data_8HJD
#
_entry.id   8HJD
#
loop_
_entity.id
_entity.type
_entity.pdbx_description
1 polymer Gly-bidentatide
2 non-polymer beta-D-fructopyranose
#
_entity_poly.entity_id   1
_entity_poly.type   'polypeptide(L)'
_entity_poly.pdbx_seq_one_letter_code
;CLESGTSCIPGAQHNCCSGVCVPIVTIFYGVCY
;
_entity_poly.pdbx_strand_id   A
#
loop_
_chem_comp.id
_chem_comp.type
_chem_comp.name
_chem_comp.formula
BDF D-saccharide, beta linking beta-D-fructopyranose 'C6 H12 O6'
#
# COMPACT_ATOMS: atom_id res chain seq x y z
N CYS A 1 -2.29 11.78 0.10
CA CYS A 1 -2.11 10.41 0.57
C CYS A 1 -2.64 9.40 -0.45
N LEU A 2 -2.05 8.21 -0.47
CA LEU A 2 -2.54 7.18 -1.39
C LEU A 2 -3.80 6.57 -0.82
N GLU A 3 -4.85 6.66 -1.58
CA GLU A 3 -6.17 6.24 -1.15
C GLU A 3 -6.36 4.72 -1.19
N SER A 4 -7.45 4.30 -0.59
CA SER A 4 -7.85 2.92 -0.50
C SER A 4 -8.02 2.27 -1.89
N GLY A 5 -7.24 1.25 -2.15
CA GLY A 5 -7.30 0.56 -3.43
C GLY A 5 -6.11 0.89 -4.31
N THR A 6 -5.50 2.04 -4.07
CA THR A 6 -4.34 2.50 -4.80
C THR A 6 -3.12 1.66 -4.39
N SER A 7 -2.31 1.28 -5.36
CA SER A 7 -1.20 0.43 -5.14
C SER A 7 -0.06 1.12 -4.37
N CYS A 8 0.47 0.41 -3.41
CA CYS A 8 1.58 0.82 -2.61
C CYS A 8 2.57 -0.34 -2.57
N ILE A 9 3.74 -0.10 -2.07
CA ILE A 9 4.73 -1.13 -1.98
C ILE A 9 4.99 -1.39 -0.48
N PRO A 10 4.56 -2.55 0.05
CA PRO A 10 4.79 -2.92 1.45
C PRO A 10 6.28 -3.08 1.74
N GLY A 11 6.79 -2.25 2.62
CA GLY A 11 8.20 -2.25 2.94
C GLY A 11 8.86 -0.96 2.54
N ALA A 12 8.28 -0.29 1.56
CA ALA A 12 8.80 0.99 1.07
C ALA A 12 8.06 2.13 1.76
N GLN A 13 8.27 3.35 1.30
CA GLN A 13 7.61 4.51 1.88
C GLN A 13 6.17 4.62 1.37
N HIS A 14 5.28 4.02 2.10
CA HIS A 14 3.86 3.99 1.78
C HIS A 14 3.12 5.12 2.50
N ASN A 15 2.80 6.13 1.74
CA ASN A 15 2.19 7.38 2.24
C ASN A 15 0.64 7.33 2.28
N CYS A 16 0.09 6.10 2.22
CA CYS A 16 -1.37 5.81 2.25
C CYS A 16 -2.13 6.61 3.33
N CYS A 17 -3.39 6.92 3.06
CA CYS A 17 -4.26 7.70 3.96
C CYS A 17 -4.44 7.04 5.33
N SER A 18 -4.59 5.72 5.35
CA SER A 18 -4.67 4.98 6.60
C SER A 18 -3.26 4.66 7.11
N GLY A 19 -2.32 4.60 6.15
CA GLY A 19 -0.94 4.29 6.43
C GLY A 19 -0.63 2.85 6.20
N VAL A 20 -1.66 2.04 6.15
CA VAL A 20 -1.53 0.60 6.05
C VAL A 20 -1.48 0.18 4.58
N CYS A 21 -0.48 -0.60 4.26
CA CYS A 21 -0.28 -1.12 2.94
C CYS A 21 -0.46 -2.64 3.01
N VAL A 22 -1.46 -3.13 2.32
CA VAL A 22 -1.82 -4.54 2.33
C VAL A 22 -1.22 -5.24 1.10
N PRO A 23 -0.27 -6.20 1.29
CA PRO A 23 0.34 -6.94 0.18
C PRO A 23 -0.68 -7.85 -0.52
N ILE A 24 -0.84 -7.67 -1.81
CA ILE A 24 -1.84 -8.42 -2.54
C ILE A 24 -1.18 -9.56 -3.30
N VAL A 25 -0.31 -9.22 -4.22
CA VAL A 25 0.37 -10.22 -5.01
C VAL A 25 1.55 -10.73 -4.21
N THR A 26 2.35 -9.80 -3.73
CA THR A 26 3.56 -10.05 -2.97
C THR A 26 3.80 -8.79 -2.15
N ILE A 27 4.99 -8.67 -1.56
CA ILE A 27 5.41 -7.42 -0.90
C ILE A 27 5.97 -6.43 -1.95
N PHE A 28 5.90 -6.81 -3.22
CA PHE A 28 6.34 -5.98 -4.30
C PHE A 28 5.14 -5.29 -4.94
N TYR A 29 3.92 -5.72 -4.56
CA TYR A 29 2.71 -5.13 -5.10
C TYR A 29 1.57 -5.29 -4.09
N GLY A 30 1.20 -4.20 -3.49
CA GLY A 30 0.10 -4.19 -2.55
C GLY A 30 -0.81 -3.03 -2.82
N VAL A 31 -1.83 -2.86 -2.01
CA VAL A 31 -2.77 -1.74 -2.11
C VAL A 31 -3.01 -1.16 -0.72
N CYS A 32 -3.25 0.13 -0.65
CA CYS A 32 -3.51 0.79 0.61
C CYS A 32 -4.86 0.40 1.15
N TYR A 33 -4.93 0.27 2.48
CA TYR A 33 -6.15 -0.03 3.20
C TYR A 33 -7.14 1.11 3.05
C1 BDF B . -1.53 12.26 -1.03
C2 BDF B . -2.03 13.64 -1.41
C3 BDF B . -3.47 13.64 -1.89
C4 BDF B . -3.62 12.99 -3.30
C5 BDF B . -2.67 13.64 -4.29
C6 BDF B . -1.24 13.57 -3.73
O2 BDF B . -1.95 14.51 -0.34
O3 BDF B . -3.90 14.99 -1.91
O4 BDF B . -3.39 11.60 -3.28
O5 BDF B . -2.72 12.88 -5.48
O6 BDF B . -1.16 14.23 -2.43
H11 BDF B . -0.46 12.35 -0.76
H12 BDF B . -1.63 11.55 -1.86
H3 BDF B . -4.06 13.07 -1.16
H4 BDF B . -4.65 13.17 -3.63
H5 BDF B . -2.95 14.69 -4.46
H61 BDF B . -0.57 14.11 -4.42
H62 BDF B . -0.90 12.54 -3.64
HO2 BDF B . -2.43 15.29 -0.66
HO3 BDF B . -4.83 14.99 -2.13
HO4 BDF B . -3.96 11.20 -2.62
HO5 BDF B . -2.57 11.96 -5.20
N CYS A 1 -1.80 11.79 -0.42
CA CYS A 1 -1.74 10.46 0.20
C CYS A 1 -2.41 9.40 -0.68
N LEU A 2 -1.93 8.17 -0.60
CA LEU A 2 -2.50 7.09 -1.38
C LEU A 2 -3.76 6.60 -0.69
N GLU A 3 -4.86 6.75 -1.34
CA GLU A 3 -6.15 6.39 -0.80
C GLU A 3 -6.39 4.87 -0.84
N SER A 4 -7.42 4.44 -0.17
CA SER A 4 -7.81 3.05 -0.06
C SER A 4 -8.07 2.44 -1.45
N GLY A 5 -7.32 1.40 -1.78
CA GLY A 5 -7.44 0.76 -3.07
C GLY A 5 -6.30 1.14 -4.03
N THR A 6 -5.60 2.21 -3.71
CA THR A 6 -4.48 2.69 -4.52
C THR A 6 -3.23 1.86 -4.18
N SER A 7 -2.46 1.51 -5.21
CA SER A 7 -1.32 0.65 -5.06
C SER A 7 -0.19 1.30 -4.24
N CYS A 8 0.37 0.51 -3.34
CA CYS A 8 1.48 0.91 -2.51
C CYS A 8 2.54 -0.18 -2.54
N ILE A 9 3.74 0.18 -2.21
CA ILE A 9 4.82 -0.76 -2.14
C ILE A 9 5.13 -1.02 -0.65
N PRO A 10 4.83 -2.24 -0.14
CA PRO A 10 5.16 -2.64 1.24
C PRO A 10 6.67 -2.68 1.45
N GLY A 11 7.12 -1.99 2.48
CA GLY A 11 8.53 -1.88 2.77
C GLY A 11 9.06 -0.51 2.39
N ALA A 12 8.57 0.01 1.28
CA ALA A 12 8.98 1.30 0.77
C ALA A 12 8.02 2.39 1.29
N GLN A 13 7.89 3.49 0.57
CA GLN A 13 7.09 4.62 0.99
C GLN A 13 5.60 4.34 0.80
N HIS A 14 4.99 3.80 1.82
CA HIS A 14 3.57 3.56 1.81
C HIS A 14 2.88 4.70 2.51
N ASN A 15 2.79 5.79 1.77
CA ASN A 15 2.28 7.11 2.21
C ASN A 15 0.73 7.18 2.22
N CYS A 16 0.10 6.00 2.23
CA CYS A 16 -1.34 5.80 2.27
C CYS A 16 -2.04 6.66 3.35
N CYS A 17 -3.26 7.08 3.05
CA CYS A 17 -4.06 7.90 3.97
C CYS A 17 -4.42 7.10 5.24
N SER A 18 -4.66 5.80 5.06
CA SER A 18 -4.94 4.88 6.15
C SER A 18 -3.64 4.42 6.83
N GLY A 19 -2.53 4.56 6.09
CA GLY A 19 -1.19 4.23 6.54
C GLY A 19 -0.78 2.81 6.26
N VAL A 20 -1.76 1.95 6.18
CA VAL A 20 -1.54 0.53 6.03
C VAL A 20 -1.49 0.14 4.56
N CYS A 21 -0.50 -0.62 4.23
CA CYS A 21 -0.31 -1.17 2.92
C CYS A 21 -0.61 -2.67 3.01
N VAL A 22 -1.52 -3.13 2.19
CA VAL A 22 -1.93 -4.52 2.19
C VAL A 22 -1.33 -5.20 0.95
N PRO A 23 -0.35 -6.13 1.13
CA PRO A 23 0.26 -6.89 0.01
C PRO A 23 -0.78 -7.73 -0.76
N ILE A 24 -0.74 -7.68 -2.08
CA ILE A 24 -1.72 -8.39 -2.91
C ILE A 24 -1.00 -9.37 -3.83
N VAL A 25 -0.19 -8.83 -4.74
CA VAL A 25 0.54 -9.62 -5.73
C VAL A 25 1.64 -10.41 -5.05
N THR A 26 2.43 -9.72 -4.28
CA THR A 26 3.52 -10.27 -3.54
C THR A 26 3.65 -9.44 -2.28
N ILE A 27 4.69 -9.68 -1.51
CA ILE A 27 4.97 -8.87 -0.33
C ILE A 27 5.64 -7.54 -0.74
N PHE A 28 5.89 -7.37 -2.04
CA PHE A 28 6.55 -6.19 -2.56
C PHE A 28 5.57 -5.33 -3.35
N TYR A 29 4.30 -5.76 -3.47
CA TYR A 29 3.33 -4.99 -4.24
C TYR A 29 1.93 -5.23 -3.67
N GLY A 30 1.28 -4.16 -3.27
CA GLY A 30 -0.05 -4.25 -2.75
C GLY A 30 -0.83 -2.99 -2.98
N VAL A 31 -1.88 -2.81 -2.21
CA VAL A 31 -2.75 -1.63 -2.26
C VAL A 31 -3.04 -1.18 -0.83
N CYS A 32 -3.28 0.10 -0.66
CA CYS A 32 -3.55 0.68 0.63
C CYS A 32 -4.88 0.19 1.17
N TYR A 33 -4.92 0.02 2.48
CA TYR A 33 -6.07 -0.43 3.22
C TYR A 33 -7.24 0.52 3.01
C1 BDF B . -3.06 12.46 -0.71
C2 BDF B . -2.83 13.56 -1.71
C3 BDF B . -1.85 14.62 -1.22
C4 BDF B . -2.46 15.57 -0.17
C5 BDF B . -3.80 16.13 -0.65
C6 BDF B . -4.73 14.97 -1.08
O2 BDF B . -2.30 13.03 -2.89
O3 BDF B . -1.40 15.34 -2.34
O4 BDF B . -2.61 14.97 1.11
O5 BDF B . -4.41 16.84 0.42
O6 BDF B . -4.08 14.17 -2.13
H11 BDF B . -3.79 11.74 -1.12
H12 BDF B . -3.46 12.85 0.23
H3 BDF B . -1.00 14.06 -0.78
H4 BDF B . -1.76 16.42 -0.08
H5 BDF B . -3.62 16.79 -1.51
H61 BDF B . -5.65 15.40 -1.49
H62 BDF B . -4.98 14.32 -0.22
HO2 BDF B . -2.91 12.38 -3.23
HO3 BDF B . -1.17 14.62 -2.95
HO4 BDF B . -2.91 15.66 1.70
HO5 BDF B . -4.59 16.21 1.13
N CYS A 1 -2.22 11.92 0.36
CA CYS A 1 -2.04 10.53 0.78
C CYS A 1 -2.66 9.54 -0.26
N LEU A 2 -2.15 8.31 -0.33
CA LEU A 2 -2.68 7.33 -1.29
C LEU A 2 -3.97 6.77 -0.76
N GLU A 3 -4.95 6.69 -1.62
CA GLU A 3 -6.27 6.25 -1.26
C GLU A 3 -6.41 4.74 -1.24
N SER A 4 -7.50 4.28 -0.68
CA SER A 4 -7.82 2.88 -0.56
C SER A 4 -7.95 2.21 -1.94
N GLY A 5 -7.18 1.14 -2.12
CA GLY A 5 -7.18 0.42 -3.38
C GLY A 5 -6.06 0.84 -4.33
N THR A 6 -5.35 1.89 -3.95
CA THR A 6 -4.24 2.39 -4.75
C THR A 6 -2.96 1.65 -4.37
N SER A 7 -2.24 1.19 -5.37
CA SER A 7 -1.05 0.42 -5.19
C SER A 7 0.07 1.22 -4.50
N CYS A 8 0.65 0.60 -3.52
CA CYS A 8 1.74 1.10 -2.75
C CYS A 8 2.77 0.00 -2.67
N ILE A 9 4.00 0.33 -2.31
CA ILE A 9 5.00 -0.68 -2.20
C ILE A 9 5.30 -0.92 -0.71
N PRO A 10 4.93 -2.13 -0.18
CA PRO A 10 5.22 -2.50 1.20
C PRO A 10 6.73 -2.68 1.41
N GLY A 11 7.24 -2.13 2.48
CA GLY A 11 8.67 -2.17 2.78
C GLY A 11 9.35 -0.88 2.35
N ALA A 12 8.76 -0.22 1.39
CA ALA A 12 9.24 1.02 0.84
C ALA A 12 8.28 2.15 1.28
N GLN A 13 8.13 3.19 0.47
CA GLN A 13 7.26 4.32 0.80
C GLN A 13 5.79 3.95 0.60
N HIS A 14 5.01 4.14 1.64
CA HIS A 14 3.58 3.93 1.61
C HIS A 14 2.84 5.00 2.40
N ASN A 15 2.58 6.11 1.72
CA ASN A 15 1.93 7.32 2.28
C ASN A 15 0.39 7.22 2.35
N CYS A 16 -0.14 5.99 2.28
CA CYS A 16 -1.60 5.66 2.39
C CYS A 16 -2.28 6.46 3.51
N CYS A 17 -3.51 6.91 3.27
CA CYS A 17 -4.28 7.74 4.24
C CYS A 17 -4.54 6.98 5.57
N SER A 18 -4.64 5.65 5.49
CA SER A 18 -4.77 4.80 6.67
C SER A 18 -3.38 4.48 7.24
N GLY A 19 -2.41 4.40 6.32
CA GLY A 19 -1.03 4.08 6.65
C GLY A 19 -0.69 2.67 6.26
N VAL A 20 -1.70 1.83 6.23
CA VAL A 20 -1.55 0.41 5.98
C VAL A 20 -1.50 0.12 4.48
N CYS A 21 -0.49 -0.59 4.08
CA CYS A 21 -0.29 -1.03 2.72
C CYS A 21 -0.44 -2.55 2.74
N VAL A 22 -1.56 -3.03 2.26
CA VAL A 22 -1.91 -4.45 2.29
C VAL A 22 -1.39 -5.14 1.02
N PRO A 23 -0.40 -6.07 1.15
CA PRO A 23 0.16 -6.82 0.02
C PRO A 23 -0.90 -7.69 -0.69
N ILE A 24 -0.99 -7.54 -1.99
CA ILE A 24 -1.99 -8.25 -2.76
C ILE A 24 -1.34 -9.38 -3.53
N VAL A 25 -0.49 -9.04 -4.48
CA VAL A 25 0.15 -10.03 -5.34
C VAL A 25 1.35 -10.63 -4.63
N THR A 26 2.21 -9.79 -4.13
CA THR A 26 3.39 -10.19 -3.43
C THR A 26 3.55 -9.26 -2.26
N ILE A 27 4.60 -9.44 -1.46
CA ILE A 27 4.93 -8.52 -0.36
C ILE A 27 5.67 -7.28 -0.90
N PHE A 28 5.83 -7.24 -2.21
CA PHE A 28 6.45 -6.15 -2.92
C PHE A 28 5.37 -5.31 -3.63
N TYR A 29 4.17 -5.88 -3.77
CA TYR A 29 3.07 -5.18 -4.46
C TYR A 29 1.82 -5.21 -3.58
N GLY A 30 1.46 -4.08 -3.06
CA GLY A 30 0.29 -3.99 -2.25
C GLY A 30 -0.58 -2.84 -2.66
N VAL A 31 -1.67 -2.65 -1.95
CA VAL A 31 -2.56 -1.52 -2.15
C VAL A 31 -2.97 -1.00 -0.76
N CYS A 32 -3.22 0.27 -0.67
CA CYS A 32 -3.59 0.91 0.57
C CYS A 32 -4.95 0.44 1.09
N TYR A 33 -5.02 0.34 2.40
CA TYR A 33 -6.18 -0.07 3.15
C TYR A 33 -7.23 1.03 3.12
C1 BDF B . -1.64 12.40 -0.87
C2 BDF B . -1.95 13.88 -1.07
C3 BDF B . -3.45 14.16 -1.18
C4 BDF B . -4.04 13.65 -2.52
C5 BDF B . -3.24 14.16 -3.71
C6 BDF B . -1.75 13.83 -3.52
O2 BDF B . -1.45 14.61 -0.01
O3 BDF B . -3.62 15.55 -1.08
O4 BDF B . -4.09 12.25 -2.58
O5 BDF B . -3.73 13.49 -4.86
O6 BDF B . -1.24 14.39 -2.25
H11 BDF B . -0.55 12.26 -0.86
H12 BDF B . -2.04 11.80 -1.70
H3 BDF B . -3.96 13.67 -0.34
H4 BDF B . -5.06 14.06 -2.59
H5 BDF B . -3.34 15.26 -3.79
H61 BDF B . -1.19 14.28 -4.35
H62 BDF B . -1.58 12.74 -3.54
HO2 BDF B . -1.87 14.27 0.79
HO3 BDF B . -3.20 15.81 -0.26
HO4 BDF B . -4.63 11.93 -1.85
HO5 BDF B . -3.69 12.56 -4.65
N CYS A 1 -1.61 11.68 -0.01
CA CYS A 1 -1.67 10.32 0.48
C CYS A 1 -2.23 9.38 -0.59
N LEU A 2 -1.87 8.11 -0.52
CA LEU A 2 -2.40 7.12 -1.44
C LEU A 2 -3.69 6.57 -0.84
N GLU A 3 -4.76 6.69 -1.56
CA GLU A 3 -6.07 6.27 -1.09
C GLU A 3 -6.27 4.75 -1.14
N SER A 4 -7.34 4.30 -0.51
CA SER A 4 -7.69 2.90 -0.45
C SER A 4 -7.89 2.31 -1.87
N GLY A 5 -7.12 1.28 -2.19
CA GLY A 5 -7.21 0.67 -3.51
C GLY A 5 -6.02 1.03 -4.39
N THR A 6 -5.33 2.09 -4.04
CA THR A 6 -4.14 2.53 -4.75
C THR A 6 -2.95 1.67 -4.34
N SER A 7 -2.15 1.27 -5.31
CA SER A 7 -1.03 0.39 -5.07
C SER A 7 0.10 1.10 -4.32
N CYS A 8 0.54 0.45 -3.28
CA CYS A 8 1.64 0.86 -2.47
C CYS A 8 2.65 -0.27 -2.45
N ILE A 9 3.86 0.02 -2.10
CA ILE A 9 4.88 -1.00 -2.04
C ILE A 9 5.24 -1.22 -0.57
N PRO A 10 4.89 -2.41 0.01
CA PRO A 10 5.22 -2.75 1.41
C PRO A 10 6.74 -2.87 1.60
N GLY A 11 7.31 -1.98 2.37
CA GLY A 11 8.76 -1.95 2.54
C GLY A 11 9.33 -0.64 2.06
N ALA A 12 8.55 0.07 1.29
CA ALA A 12 8.91 1.38 0.78
C ALA A 12 8.04 2.43 1.48
N GLN A 13 7.98 3.64 0.93
CA GLN A 13 7.21 4.72 1.54
C GLN A 13 5.72 4.58 1.23
N HIS A 14 5.02 3.94 2.13
CA HIS A 14 3.60 3.75 1.96
C HIS A 14 2.82 4.88 2.63
N ASN A 15 2.73 5.97 1.91
CA ASN A 15 2.12 7.24 2.32
C ASN A 15 0.57 7.21 2.32
N CYS A 16 -0.01 6.01 2.32
CA CYS A 16 -1.45 5.71 2.35
C CYS A 16 -2.22 6.57 3.36
N CYS A 17 -3.44 6.96 3.01
CA CYS A 17 -4.30 7.81 3.87
C CYS A 17 -4.74 7.05 5.15
N SER A 18 -4.73 5.73 5.07
CA SER A 18 -5.05 4.86 6.18
C SER A 18 -3.78 4.37 6.89
N GLY A 19 -2.62 4.63 6.27
CA GLY A 19 -1.32 4.26 6.79
C GLY A 19 -0.90 2.82 6.47
N VAL A 20 -1.87 1.95 6.28
CA VAL A 20 -1.61 0.53 6.11
C VAL A 20 -1.50 0.17 4.63
N CYS A 21 -0.47 -0.56 4.31
CA CYS A 21 -0.25 -1.09 2.99
C CYS A 21 -0.44 -2.60 3.10
N VAL A 22 -1.37 -3.14 2.37
CA VAL A 22 -1.67 -4.55 2.43
C VAL A 22 -1.19 -5.26 1.16
N PRO A 23 -0.15 -6.15 1.27
CA PRO A 23 0.34 -6.97 0.14
C PRO A 23 -0.76 -7.82 -0.49
N ILE A 24 -0.96 -7.65 -1.78
CA ILE A 24 -2.02 -8.34 -2.49
C ILE A 24 -1.43 -9.45 -3.33
N VAL A 25 -0.61 -9.08 -4.29
CA VAL A 25 0.01 -10.05 -5.17
C VAL A 25 1.26 -10.63 -4.50
N THR A 26 2.12 -9.75 -4.06
CA THR A 26 3.36 -10.11 -3.41
C THR A 26 3.66 -9.06 -2.38
N ILE A 27 4.84 -9.12 -1.76
CA ILE A 27 5.30 -8.08 -0.87
C ILE A 27 5.86 -6.89 -1.67
N PHE A 28 5.82 -7.01 -2.99
CA PHE A 28 6.27 -5.96 -3.88
C PHE A 28 5.08 -5.29 -4.54
N TYR A 29 3.87 -5.70 -4.17
CA TYR A 29 2.66 -5.13 -4.73
C TYR A 29 1.53 -5.24 -3.75
N GLY A 30 1.20 -4.16 -3.14
CA GLY A 30 0.10 -4.11 -2.25
C GLY A 30 -0.80 -2.97 -2.58
N VAL A 31 -1.87 -2.81 -1.86
CA VAL A 31 -2.76 -1.68 -2.01
C VAL A 31 -3.02 -1.10 -0.64
N CYS A 32 -3.25 0.19 -0.58
CA CYS A 32 -3.55 0.85 0.65
C CYS A 32 -4.91 0.40 1.15
N TYR A 33 -4.95 0.09 2.43
CA TYR A 33 -6.11 -0.39 3.16
C TYR A 33 -7.33 0.54 3.02
C1 BDF B . -0.99 12.78 0.76
C2 BDF B . 0.53 12.57 0.98
C3 BDF B . 1.19 13.76 1.68
C4 BDF B . 1.25 14.99 0.74
C5 BDF B . 1.88 14.64 -0.59
C6 BDF B . 1.16 13.43 -1.22
O2 BDF B . 0.80 11.43 1.76
O3 BDF B . 2.51 13.37 2.04
O4 BDF B . -0.02 15.57 0.51
O5 BDF B . 1.72 15.77 -1.44
O6 BDF B . 1.18 12.29 -0.31
H11 BDF B . -1.14 13.74 0.24
H12 BDF B . -1.49 12.85 1.74
H3 BDF B . 0.61 14.00 2.57
H4 BDF B . 1.90 15.76 1.21
H5 BDF B . 2.94 14.41 -0.42
H61 BDF B . 1.71 13.14 -2.12
H62 BDF B . 0.13 13.68 -1.50
HO2 BDF B . 1.75 11.48 1.92
HO3 BDF B . 2.92 14.10 2.51
HO4 BDF B . 0.15 16.27 -0.15
HO5 BDF B . 2.14 15.56 -2.29
N CYS A 1 -2.61 11.85 -0.02
CA CYS A 1 -2.28 10.53 0.49
C CYS A 1 -2.76 9.46 -0.48
N LEU A 2 -2.18 8.27 -0.44
CA LEU A 2 -2.62 7.19 -1.32
C LEU A 2 -3.89 6.57 -0.74
N GLU A 3 -4.93 6.63 -1.50
CA GLU A 3 -6.25 6.18 -1.09
C GLU A 3 -6.41 4.65 -1.16
N SER A 4 -7.49 4.16 -0.60
CA SER A 4 -7.79 2.74 -0.54
C SER A 4 -7.91 2.12 -1.94
N GLY A 5 -7.09 1.13 -2.19
CA GLY A 5 -7.09 0.48 -3.49
C GLY A 5 -5.96 0.94 -4.39
N THR A 6 -5.26 1.95 -3.94
CA THR A 6 -4.13 2.49 -4.65
C THR A 6 -2.88 1.69 -4.30
N SER A 7 -2.14 1.28 -5.33
CA SER A 7 -0.98 0.43 -5.15
C SER A 7 0.18 1.15 -4.44
N CYS A 8 0.72 0.48 -3.47
CA CYS A 8 1.85 0.90 -2.70
C CYS A 8 2.81 -0.28 -2.61
N ILE A 9 4.05 -0.04 -2.24
CA ILE A 9 5.01 -1.11 -2.10
C ILE A 9 5.23 -1.39 -0.60
N PRO A 10 4.74 -2.55 -0.08
CA PRO A 10 4.94 -2.95 1.32
C PRO A 10 6.44 -3.14 1.66
N GLY A 11 6.94 -2.29 2.52
CA GLY A 11 8.35 -2.33 2.89
C GLY A 11 9.05 -1.05 2.48
N ALA A 12 8.43 -0.31 1.59
CA ALA A 12 8.93 0.97 1.12
C ALA A 12 8.05 2.06 1.72
N GLN A 13 8.22 3.31 1.30
CA GLN A 13 7.42 4.40 1.82
C GLN A 13 6.01 4.34 1.29
N HIS A 14 5.09 4.06 2.17
CA HIS A 14 3.70 3.92 1.84
C HIS A 14 2.87 5.03 2.48
N ASN A 15 2.75 6.10 1.73
CA ASN A 15 2.10 7.38 2.10
C ASN A 15 0.55 7.35 2.12
N CYS A 16 -0.01 6.14 2.19
CA CYS A 16 -1.46 5.83 2.27
C CYS A 16 -2.20 6.67 3.34
N CYS A 17 -3.48 6.94 3.09
CA CYS A 17 -4.33 7.73 4.00
C CYS A 17 -4.54 7.02 5.34
N SER A 18 -4.73 5.70 5.30
CA SER A 18 -4.84 4.92 6.50
C SER A 18 -3.43 4.68 7.07
N GLY A 19 -2.48 4.57 6.15
CA GLY A 19 -1.10 4.34 6.51
C GLY A 19 -0.73 2.89 6.32
N VAL A 20 -1.73 2.05 6.14
CA VAL A 20 -1.52 0.62 6.03
C VAL A 20 -1.43 0.22 4.56
N CYS A 21 -0.39 -0.50 4.23
CA CYS A 21 -0.19 -1.02 2.90
C CYS A 21 -0.30 -2.54 2.98
N VAL A 22 -1.33 -3.08 2.42
CA VAL A 22 -1.62 -4.50 2.48
C VAL A 22 -1.09 -5.19 1.22
N PRO A 23 -0.14 -6.17 1.37
CA PRO A 23 0.39 -6.94 0.23
C PRO A 23 -0.70 -7.79 -0.43
N ILE A 24 -0.94 -7.57 -1.71
CA ILE A 24 -1.99 -8.27 -2.43
C ILE A 24 -1.39 -9.41 -3.23
N VAL A 25 -0.57 -9.07 -4.18
CA VAL A 25 0.05 -10.05 -5.04
C VAL A 25 1.27 -10.63 -4.33
N THR A 26 2.12 -9.75 -3.87
CA THR A 26 3.35 -10.05 -3.18
C THR A 26 3.64 -8.87 -2.27
N ILE A 27 4.82 -8.84 -1.67
CA ILE A 27 5.28 -7.66 -0.93
C ILE A 27 5.84 -6.61 -1.90
N PHE A 28 5.81 -6.93 -3.18
CA PHE A 28 6.28 -6.04 -4.22
C PHE A 28 5.09 -5.34 -4.89
N TYR A 29 3.87 -5.68 -4.46
CA TYR A 29 2.67 -5.08 -5.01
C TYR A 29 1.53 -5.22 -4.02
N GLY A 30 1.20 -4.15 -3.39
CA GLY A 30 0.10 -4.14 -2.46
C GLY A 30 -0.74 -2.94 -2.70
N VAL A 31 -1.78 -2.77 -1.93
CA VAL A 31 -2.63 -1.60 -2.01
C VAL A 31 -2.90 -1.06 -0.63
N CYS A 32 -3.14 0.23 -0.56
CA CYS A 32 -3.46 0.88 0.68
C CYS A 32 -4.82 0.44 1.17
N TYR A 33 -4.90 0.23 2.46
CA TYR A 33 -6.11 -0.19 3.14
C TYR A 33 -7.16 0.91 3.07
C1 BDF B . -1.97 12.32 -1.24
C2 BDF B . -2.66 13.59 -1.70
C3 BDF B . -2.00 14.16 -2.94
C4 BDF B . -0.60 14.80 -2.63
C5 BDF B . -0.70 15.76 -1.45
C6 BDF B . -1.39 15.07 -0.25
O2 BDF B . -3.98 13.32 -1.98
O3 BDF B . -2.88 15.13 -3.48
O4 BDF B . 0.39 13.83 -2.36
O5 BDF B . 0.63 16.08 -1.06
O6 BDF B . -2.70 14.57 -0.63
H11 BDF B . -0.90 12.52 -1.08
H12 BDF B . -2.06 11.55 -2.00
H3 BDF B . -1.89 13.34 -3.65
H4 BDF B . -0.32 15.39 -3.52
H5 BDF B . -1.28 16.66 -1.74
H61 BDF B . -1.54 15.83 0.52
H62 BDF B . -0.77 14.26 0.16
HO2 BDF B . -4.36 12.91 -1.20
HO3 BDF B . -3.71 14.64 -3.50
HO4 BDF B . 0.48 13.27 -3.14
HO5 BDF B . 1.05 15.22 -0.89
N CYS A 1 -1.84 11.73 0.28
CA CYS A 1 -1.83 10.38 0.83
C CYS A 1 -2.50 9.45 -0.17
N LEU A 2 -2.05 8.21 -0.23
CA LEU A 2 -2.61 7.26 -1.16
C LEU A 2 -3.88 6.66 -0.56
N GLU A 3 -4.93 6.73 -1.30
CA GLU A 3 -6.23 6.26 -0.88
C GLU A 3 -6.41 4.75 -1.10
N SER A 4 -7.47 4.19 -0.54
CA SER A 4 -7.78 2.77 -0.63
C SER A 4 -7.87 2.27 -2.08
N GLY A 5 -7.10 1.21 -2.38
CA GLY A 5 -7.10 0.63 -3.70
C GLY A 5 -5.94 1.12 -4.57
N THR A 6 -5.27 2.14 -4.11
CA THR A 6 -4.11 2.69 -4.77
C THR A 6 -2.91 1.82 -4.44
N SER A 7 -2.14 1.43 -5.44
CA SER A 7 -1.07 0.51 -5.27
C SER A 7 0.15 1.15 -4.59
N CYS A 8 0.63 0.46 -3.59
CA CYS A 8 1.78 0.84 -2.83
C CYS A 8 2.69 -0.36 -2.74
N ILE A 9 3.93 -0.14 -2.42
CA ILE A 9 4.84 -1.23 -2.24
C ILE A 9 5.03 -1.41 -0.72
N PRO A 10 4.53 -2.53 -0.14
CA PRO A 10 4.68 -2.84 1.28
C PRO A 10 6.16 -2.97 1.70
N GLY A 11 6.60 -2.05 2.53
CA GLY A 11 7.98 -2.04 2.97
C GLY A 11 8.70 -0.80 2.50
N ALA A 12 8.19 -0.19 1.45
CA ALA A 12 8.73 1.03 0.87
C ALA A 12 7.88 2.22 1.36
N GLN A 13 7.94 3.36 0.66
CA GLN A 13 7.13 4.53 1.01
C GLN A 13 5.66 4.33 0.71
N HIS A 14 4.95 3.87 1.69
CA HIS A 14 3.54 3.66 1.60
C HIS A 14 2.83 4.75 2.37
N ASN A 15 2.70 5.87 1.70
CA ASN A 15 2.15 7.14 2.25
C ASN A 15 0.59 7.16 2.33
N CYS A 16 0.00 5.96 2.30
CA CYS A 16 -1.46 5.71 2.40
C CYS A 16 -2.12 6.53 3.53
N CYS A 17 -3.39 6.91 3.31
CA CYS A 17 -4.16 7.74 4.25
C CYS A 17 -4.41 7.02 5.60
N SER A 18 -4.49 5.70 5.57
CA SER A 18 -4.58 4.91 6.78
C SER A 18 -3.17 4.64 7.31
N GLY A 19 -2.26 4.44 6.36
CA GLY A 19 -0.89 4.12 6.66
C GLY A 19 -0.57 2.69 6.30
N VAL A 20 -1.61 1.88 6.23
CA VAL A 20 -1.47 0.45 6.01
C VAL A 20 -1.48 0.11 4.52
N CYS A 21 -0.51 -0.65 4.11
CA CYS A 21 -0.39 -1.14 2.76
C CYS A 21 -0.57 -2.66 2.82
N VAL A 22 -1.64 -3.13 2.22
CA VAL A 22 -2.02 -4.53 2.21
C VAL A 22 -1.39 -5.22 0.99
N PRO A 23 -0.47 -6.20 1.19
CA PRO A 23 0.15 -6.95 0.10
C PRO A 23 -0.88 -7.78 -0.68
N ILE A 24 -0.89 -7.60 -1.97
CA ILE A 24 -1.80 -8.33 -2.85
C ILE A 24 -1.09 -9.58 -3.36
N VAL A 25 -0.10 -9.38 -4.19
CA VAL A 25 0.67 -10.50 -4.71
C VAL A 25 1.77 -10.88 -3.72
N THR A 26 2.53 -9.88 -3.32
CA THR A 26 3.66 -10.02 -2.41
C THR A 26 3.85 -8.66 -1.75
N ILE A 27 4.97 -8.47 -1.05
CA ILE A 27 5.35 -7.16 -0.52
C ILE A 27 5.97 -6.25 -1.62
N PHE A 28 5.89 -6.71 -2.86
CA PHE A 28 6.36 -5.96 -3.99
C PHE A 28 5.19 -5.47 -4.83
N TYR A 29 3.96 -5.74 -4.34
CA TYR A 29 2.73 -5.27 -4.99
C TYR A 29 1.58 -5.32 -4.00
N GLY A 30 1.18 -4.18 -3.51
CA GLY A 30 0.08 -4.10 -2.58
C GLY A 30 -0.80 -2.92 -2.87
N VAL A 31 -1.83 -2.72 -2.06
CA VAL A 31 -2.74 -1.57 -2.17
C VAL A 31 -2.99 -1.01 -0.79
N CYS A 32 -3.31 0.26 -0.72
CA CYS A 32 -3.58 0.91 0.53
C CYS A 32 -4.92 0.49 1.11
N TYR A 33 -4.93 0.35 2.42
CA TYR A 33 -6.08 0.00 3.20
C TYR A 33 -7.03 1.19 3.25
C1 BDF B . -1.08 12.85 0.88
C2 BDF B . 0.45 12.62 0.80
C3 BDF B . 1.23 13.85 1.27
C4 BDF B . 1.14 15.03 0.25
C5 BDF B . 1.47 14.58 -1.16
C6 BDF B . 0.62 13.35 -1.54
O2 BDF B . 0.85 11.52 1.56
O3 BDF B . 2.60 13.50 1.45
O4 BDF B . -0.14 15.64 0.23
O5 BDF B . 1.14 15.64 -2.03
O6 BDF B . 0.82 12.27 -0.57
H11 BDF B . -1.33 13.79 0.38
H12 BDF B . -1.37 12.93 1.94
H3 BDF B . 0.83 14.21 2.23
H4 BDF B . 1.89 15.77 0.56
H5 BDF B . 2.54 14.30 -1.22
H61 BDF B . 0.94 13.00 -2.53
H62 BDF B . -0.45 13.61 -1.58
HO2 BDF B . 1.81 11.46 1.48
HO3 BDF B . 2.62 12.85 2.16
HO4 BDF B . -0.32 15.97 1.13
HO5 BDF B . 0.23 15.86 -1.81
N CYS A 1 -2.70 11.84 -0.05
CA CYS A 1 -2.32 10.52 0.48
C CYS A 1 -2.78 9.43 -0.48
N LEU A 2 -2.17 8.25 -0.40
CA LEU A 2 -2.55 7.16 -1.29
C LEU A 2 -3.81 6.52 -0.76
N GLU A 3 -4.83 6.55 -1.55
CA GLU A 3 -6.14 6.07 -1.18
C GLU A 3 -6.26 4.55 -1.22
N SER A 4 -7.33 4.06 -0.65
CA SER A 4 -7.64 2.67 -0.57
C SER A 4 -7.82 2.04 -1.96
N GLY A 5 -6.92 1.14 -2.30
CA GLY A 5 -6.95 0.51 -3.61
C GLY A 5 -5.77 0.95 -4.46
N THR A 6 -5.11 2.02 -4.06
CA THR A 6 -3.93 2.53 -4.73
C THR A 6 -2.74 1.70 -4.29
N SER A 7 -1.95 1.26 -5.25
CA SER A 7 -0.83 0.40 -5.00
C SER A 7 0.35 1.12 -4.33
N CYS A 8 0.86 0.46 -3.33
CA CYS A 8 2.01 0.87 -2.58
C CYS A 8 2.95 -0.31 -2.51
N ILE A 9 4.22 -0.05 -2.32
CA ILE A 9 5.18 -1.12 -2.16
C ILE A 9 5.36 -1.32 -0.64
N PRO A 10 4.95 -2.49 -0.09
CA PRO A 10 5.12 -2.78 1.34
C PRO A 10 6.61 -2.86 1.69
N GLY A 11 7.04 -1.92 2.51
CA GLY A 11 8.44 -1.83 2.88
C GLY A 11 9.06 -0.53 2.39
N ALA A 12 8.42 0.10 1.42
CA ALA A 12 8.87 1.37 0.88
C ALA A 12 8.02 2.50 1.48
N GLN A 13 8.03 3.67 0.88
CA GLN A 13 7.24 4.78 1.40
C GLN A 13 5.79 4.60 1.03
N HIS A 14 5.00 4.33 2.03
CA HIS A 14 3.60 4.08 1.86
C HIS A 14 2.78 5.16 2.57
N ASN A 15 2.60 6.24 1.85
CA ASN A 15 1.93 7.49 2.30
C ASN A 15 0.38 7.39 2.32
N CYS A 16 -0.12 6.16 2.34
CA CYS A 16 -1.54 5.79 2.39
C CYS A 16 -2.34 6.62 3.42
N CYS A 17 -3.60 6.87 3.10
CA CYS A 17 -4.51 7.66 3.95
C CYS A 17 -4.80 6.96 5.30
N SER A 18 -4.84 5.64 5.30
CA SER A 18 -4.95 4.87 6.53
C SER A 18 -3.56 4.67 7.12
N GLY A 19 -2.58 4.57 6.22
CA GLY A 19 -1.20 4.38 6.58
C GLY A 19 -0.75 2.98 6.30
N VAL A 20 -1.69 2.06 6.32
CA VAL A 20 -1.43 0.66 6.18
C VAL A 20 -1.35 0.26 4.70
N CYS A 21 -0.32 -0.46 4.37
CA CYS A 21 -0.12 -0.99 3.03
C CYS A 21 -0.24 -2.51 3.16
N VAL A 22 -1.20 -3.08 2.48
CA VAL A 22 -1.47 -4.50 2.56
C VAL A 22 -1.03 -5.19 1.27
N PRO A 23 -0.06 -6.14 1.35
CA PRO A 23 0.37 -6.97 0.20
C PRO A 23 -0.79 -7.73 -0.46
N ILE A 24 -0.94 -7.57 -1.76
CA ILE A 24 -2.06 -8.19 -2.47
C ILE A 24 -1.54 -9.24 -3.44
N VAL A 25 -0.87 -8.80 -4.47
CA VAL A 25 -0.39 -9.68 -5.53
C VAL A 25 0.83 -10.43 -5.04
N THR A 26 1.75 -9.71 -4.47
CA THR A 26 2.97 -10.25 -3.91
C THR A 26 3.27 -9.47 -2.64
N ILE A 27 4.46 -9.67 -2.07
CA ILE A 27 4.91 -8.85 -0.94
C ILE A 27 5.58 -7.56 -1.46
N PHE A 28 5.63 -7.44 -2.78
CA PHE A 28 6.19 -6.28 -3.44
C PHE A 28 5.06 -5.36 -3.90
N TYR A 29 3.97 -5.96 -4.34
CA TYR A 29 2.85 -5.20 -4.83
C TYR A 29 1.67 -5.33 -3.88
N GLY A 30 1.37 -4.27 -3.20
CA GLY A 30 0.24 -4.22 -2.31
C GLY A 30 -0.59 -3.01 -2.58
N VAL A 31 -1.65 -2.82 -1.83
CA VAL A 31 -2.49 -1.63 -1.95
C VAL A 31 -2.75 -1.06 -0.57
N CYS A 32 -3.02 0.22 -0.53
CA CYS A 32 -3.34 0.90 0.69
C CYS A 32 -4.69 0.44 1.21
N TYR A 33 -4.76 0.27 2.52
CA TYR A 33 -5.93 -0.20 3.23
C TYR A 33 -7.09 0.79 3.08
C1 BDF B . -2.19 13.08 0.52
C2 BDF B . -0.78 13.39 -0.02
C3 BDF B . -0.22 14.70 0.53
C4 BDF B . -1.00 15.93 -0.02
C5 BDF B . -1.09 15.91 -1.54
C6 BDF B . -1.65 14.55 -2.01
O2 BDF B . 0.11 12.37 0.26
O3 BDF B . 1.14 14.78 0.16
O4 BDF B . -2.31 16.03 0.54
O5 BDF B . -1.99 16.93 -1.93
O6 BDF B . -0.83 13.44 -1.49
H11 BDF B . -2.85 13.92 0.30
H12 BDF B . -2.13 12.97 1.61
H3 BDF B . -0.31 14.65 1.62
H4 BDF B . -0.43 16.83 0.27
H5 BDF B . -0.09 16.05 -1.97
H61 BDF B . -1.60 14.52 -3.11
H62 BDF B . -2.71 14.43 -1.72
HO2 BDF B . 0.97 12.70 0.01
HO3 BDF B . 1.49 15.57 0.59
HO4 BDF B . -2.24 16.12 1.50
HO5 BDF B . -2.81 16.75 -1.46
N CYS A 1 -2.14 11.83 0.99
CA CYS A 1 -1.99 10.40 1.16
C CYS A 1 -2.50 9.60 -0.05
N LEU A 2 -2.06 8.35 -0.16
CA LEU A 2 -2.56 7.47 -1.21
C LEU A 2 -3.89 6.91 -0.78
N GLU A 3 -4.82 6.94 -1.69
CA GLU A 3 -6.17 6.52 -1.45
C GLU A 3 -6.33 5.00 -1.44
N SER A 4 -7.47 4.54 -0.99
CA SER A 4 -7.81 3.14 -0.92
C SER A 4 -7.84 2.49 -2.30
N GLY A 5 -7.08 1.42 -2.45
CA GLY A 5 -7.04 0.71 -3.71
C GLY A 5 -5.82 1.05 -4.53
N THR A 6 -5.16 2.14 -4.18
CA THR A 6 -3.96 2.59 -4.86
C THR A 6 -2.80 1.67 -4.50
N SER A 7 -2.07 1.26 -5.52
CA SER A 7 -0.95 0.39 -5.37
C SER A 7 0.17 1.03 -4.56
N CYS A 8 0.51 0.39 -3.51
CA CYS A 8 1.60 0.77 -2.67
C CYS A 8 2.57 -0.39 -2.63
N ILE A 9 3.78 -0.13 -2.22
CA ILE A 9 4.76 -1.15 -2.15
C ILE A 9 5.15 -1.34 -0.67
N PRO A 10 4.72 -2.47 -0.04
CA PRO A 10 5.12 -2.80 1.34
C PRO A 10 6.65 -3.00 1.43
N GLY A 11 7.31 -2.14 2.15
CA GLY A 11 8.76 -2.17 2.23
C GLY A 11 9.33 -0.85 1.78
N ALA A 12 8.58 -0.18 0.93
CA ALA A 12 8.91 1.15 0.48
C ALA A 12 8.08 2.13 1.26
N GLN A 13 8.22 3.41 0.98
CA GLN A 13 7.46 4.42 1.69
C GLN A 13 6.04 4.50 1.16
N HIS A 14 5.14 3.98 1.95
CA HIS A 14 3.74 3.88 1.60
C HIS A 14 2.89 4.88 2.37
N ASN A 15 2.72 6.03 1.77
CA ASN A 15 1.97 7.20 2.31
C ASN A 15 0.44 7.06 2.36
N CYS A 16 -0.08 5.83 2.27
CA CYS A 16 -1.53 5.49 2.34
C CYS A 16 -2.23 6.22 3.50
N CYS A 17 -3.47 6.65 3.28
CA CYS A 17 -4.26 7.44 4.26
C CYS A 17 -4.41 6.75 5.63
N SER A 18 -4.59 5.45 5.62
CA SER A 18 -4.69 4.69 6.86
C SER A 18 -3.29 4.37 7.39
N GLY A 19 -2.31 4.34 6.48
CA GLY A 19 -0.96 3.94 6.79
C GLY A 19 -0.74 2.50 6.42
N VAL A 20 -1.85 1.79 6.31
CA VAL A 20 -1.87 0.37 6.07
C VAL A 20 -1.79 0.10 4.58
N CYS A 21 -0.76 -0.59 4.22
CA CYS A 21 -0.55 -1.06 2.87
C CYS A 21 -0.68 -2.56 2.93
N VAL A 22 -1.69 -3.07 2.28
CA VAL A 22 -2.02 -4.48 2.31
C VAL A 22 -1.36 -5.19 1.11
N PRO A 23 -0.35 -6.07 1.37
CA PRO A 23 0.32 -6.85 0.33
C PRO A 23 -0.65 -7.84 -0.33
N ILE A 24 -0.85 -7.68 -1.62
CA ILE A 24 -1.81 -8.49 -2.36
C ILE A 24 -1.12 -9.69 -2.97
N VAL A 25 -0.19 -9.45 -3.87
CA VAL A 25 0.57 -10.51 -4.47
C VAL A 25 1.74 -10.90 -3.58
N THR A 26 2.49 -9.88 -3.20
CA THR A 26 3.68 -10.00 -2.38
C THR A 26 3.88 -8.63 -1.75
N ILE A 27 5.04 -8.40 -1.17
CA ILE A 27 5.43 -7.09 -0.70
C ILE A 27 5.88 -6.19 -1.88
N PHE A 28 5.84 -6.73 -3.09
CA PHE A 28 6.20 -5.99 -4.26
C PHE A 28 4.95 -5.49 -5.00
N TYR A 29 3.78 -5.82 -4.47
CA TYR A 29 2.50 -5.32 -4.98
C TYR A 29 1.45 -5.37 -3.88
N GLY A 30 1.08 -4.23 -3.41
CA GLY A 30 0.03 -4.11 -2.43
C GLY A 30 -0.90 -2.98 -2.78
N VAL A 31 -1.96 -2.82 -2.02
CA VAL A 31 -2.91 -1.72 -2.18
C VAL A 31 -3.19 -1.10 -0.82
N CYS A 32 -3.40 0.21 -0.81
CA CYS A 32 -3.69 0.92 0.41
C CYS A 32 -5.10 0.60 0.91
N TYR A 33 -5.21 0.47 2.22
CA TYR A 33 -6.46 0.21 2.89
C TYR A 33 -7.26 1.50 3.02
C1 BDF B . -1.75 12.72 2.07
C2 BDF B . -2.24 14.13 1.81
C3 BDF B . -1.91 15.07 2.97
C4 BDF B . -2.75 14.74 4.24
C5 BDF B . -4.26 14.67 3.89
C6 BDF B . -4.47 13.69 2.72
O2 BDF B . -1.69 14.62 0.63
O3 BDF B . -2.15 16.39 2.53
O4 BDF B . -2.33 13.54 4.86
O5 BDF B . -4.97 14.18 5.02
O6 BDF B . -3.68 14.10 1.56
H11 BDF B . -2.15 12.37 3.03
H12 BDF B . -0.65 12.72 2.14
H3 BDF B . -0.84 14.94 3.18
H4 BDF B . -2.60 15.58 4.94
H5 BDF B . -4.61 15.67 3.59
H61 BDF B . -5.53 13.71 2.44
H62 BDF B . -4.21 12.66 3.01
HO2 BDF B . -0.73 14.51 0.68
HO3 BDF B . -1.72 16.42 1.66
HO4 BDF B . -1.39 13.65 5.06
HO5 BDF B . -5.90 14.13 4.79
N CYS A 1 -2.29 11.82 0.27
CA CYS A 1 -2.17 10.42 0.69
C CYS A 1 -2.69 9.44 -0.36
N LEU A 2 -2.16 8.22 -0.38
CA LEU A 2 -2.65 7.23 -1.30
C LEU A 2 -3.94 6.66 -0.75
N GLU A 3 -4.97 6.79 -1.51
CA GLU A 3 -6.29 6.38 -1.13
C GLU A 3 -6.47 4.86 -1.17
N SER A 4 -7.55 4.40 -0.61
CA SER A 4 -7.89 3.00 -0.55
C SER A 4 -8.01 2.39 -1.96
N GLY A 5 -7.22 1.36 -2.22
CA GLY A 5 -7.23 0.70 -3.52
C GLY A 5 -6.02 1.03 -4.36
N THR A 6 -5.41 2.17 -4.10
CA THR A 6 -4.22 2.64 -4.81
C THR A 6 -3.02 1.76 -4.44
N SER A 7 -2.28 1.31 -5.46
CA SER A 7 -1.16 0.44 -5.26
C SER A 7 -0.02 1.10 -4.46
N CYS A 8 0.45 0.41 -3.48
CA CYS A 8 1.54 0.84 -2.65
C CYS A 8 2.59 -0.24 -2.67
N ILE A 9 3.79 0.11 -2.28
CA ILE A 9 4.85 -0.83 -2.24
C ILE A 9 5.16 -1.12 -0.76
N PRO A 10 4.86 -2.36 -0.28
CA PRO A 10 5.18 -2.76 1.09
C PRO A 10 6.68 -2.82 1.29
N GLY A 11 7.15 -2.23 2.37
CA GLY A 11 8.57 -2.19 2.66
C GLY A 11 9.17 -0.83 2.34
N ALA A 12 8.57 -0.15 1.39
CA ALA A 12 8.99 1.17 0.97
C ALA A 12 8.15 2.24 1.68
N GLN A 13 8.31 3.50 1.30
CA GLN A 13 7.50 4.58 1.86
C GLN A 13 6.09 4.52 1.32
N HIS A 14 5.19 4.15 2.18
CA HIS A 14 3.79 4.02 1.84
C HIS A 14 2.95 5.08 2.51
N ASN A 15 2.69 6.13 1.76
CA ASN A 15 1.97 7.34 2.15
C ASN A 15 0.42 7.19 2.17
N CYS A 16 -0.07 5.93 2.19
CA CYS A 16 -1.51 5.58 2.27
C CYS A 16 -2.24 6.37 3.38
N CYS A 17 -3.49 6.75 3.12
CA CYS A 17 -4.31 7.57 4.05
C CYS A 17 -4.48 6.91 5.43
N SER A 18 -4.66 5.59 5.45
CA SER A 18 -4.75 4.85 6.69
C SER A 18 -3.34 4.61 7.27
N GLY A 19 -2.37 4.52 6.37
CA GLY A 19 -0.99 4.24 6.73
C GLY A 19 -0.64 2.82 6.37
N VAL A 20 -1.66 1.99 6.25
CA VAL A 20 -1.53 0.58 6.04
C VAL A 20 -1.42 0.25 4.55
N CYS A 21 -0.42 -0.52 4.21
CA CYS A 21 -0.22 -1.01 2.89
C CYS A 21 -0.45 -2.51 2.96
N VAL A 22 -1.44 -2.99 2.24
CA VAL A 22 -1.80 -4.39 2.29
C VAL A 22 -1.20 -5.11 1.07
N PRO A 23 -0.21 -6.03 1.28
CA PRO A 23 0.39 -6.81 0.19
C PRO A 23 -0.65 -7.74 -0.44
N ILE A 24 -0.88 -7.60 -1.72
CA ILE A 24 -1.92 -8.39 -2.38
C ILE A 24 -1.30 -9.52 -3.18
N VAL A 25 -0.54 -9.16 -4.21
CA VAL A 25 0.07 -10.14 -5.07
C VAL A 25 1.29 -10.73 -4.38
N THR A 26 2.15 -9.87 -3.90
CA THR A 26 3.36 -10.24 -3.21
C THR A 26 3.63 -9.17 -2.17
N ILE A 27 4.77 -9.27 -1.51
CA ILE A 27 5.25 -8.23 -0.59
C ILE A 27 5.91 -7.07 -1.37
N PHE A 28 5.86 -7.15 -2.69
CA PHE A 28 6.39 -6.12 -3.56
C PHE A 28 5.24 -5.33 -4.20
N TYR A 29 4.04 -5.91 -4.21
CA TYR A 29 2.90 -5.27 -4.84
C TYR A 29 1.69 -5.35 -3.93
N GLY A 30 1.28 -4.23 -3.39
CA GLY A 30 0.14 -4.17 -2.54
C GLY A 30 -0.75 -3.01 -2.90
N VAL A 31 -1.81 -2.83 -2.12
CA VAL A 31 -2.74 -1.70 -2.27
C VAL A 31 -3.01 -1.14 -0.88
N CYS A 32 -3.26 0.14 -0.81
CA CYS A 32 -3.55 0.80 0.43
C CYS A 32 -4.88 0.36 1.01
N TYR A 33 -4.90 0.24 2.31
CA TYR A 33 -6.06 -0.16 3.05
C TYR A 33 -7.05 0.98 3.02
C1 BDF B . -3.58 12.44 0.05
C2 BDF B . -3.42 13.87 -0.36
C3 BDF B . -2.65 14.70 0.69
C4 BDF B . -3.49 14.95 1.95
C5 BDF B . -4.85 15.53 1.59
C6 BDF B . -5.55 14.64 0.57
O2 BDF B . -2.72 13.95 -1.57
O3 BDF B . -2.32 15.92 0.09
O4 BDF B . -3.69 13.78 2.74
O5 BDF B . -5.63 15.57 2.78
O6 BDF B . -4.72 14.47 -0.63
H11 BDF B . -4.11 11.90 -0.74
H12 BDF B . -4.16 12.34 0.98
H3 BDF B . -1.74 14.15 0.95
H4 BDF B . -2.97 15.70 2.56
H5 BDF B . -4.68 16.54 1.18
H61 BDF B . -6.49 15.12 0.27
H62 BDF B . -5.80 13.66 0.99
HO2 BDF B . -1.86 13.53 -1.43
HO3 BDF B . -1.86 15.70 -0.73
HO4 BDF B . -4.30 14.06 3.43
HO5 BDF B . -6.46 16.00 2.57
N CYS A 1 -2.01 11.59 0.15
CA CYS A 1 -2.05 10.23 0.64
C CYS A 1 -2.67 9.29 -0.39
N LEU A 2 -2.19 8.06 -0.44
CA LEU A 2 -2.73 7.08 -1.38
C LEU A 2 -3.97 6.46 -0.73
N GLU A 3 -5.09 6.52 -1.42
CA GLU A 3 -6.35 6.04 -0.88
C GLU A 3 -6.53 4.53 -1.09
N SER A 4 -7.54 3.95 -0.44
CA SER A 4 -7.82 2.52 -0.51
C SER A 4 -8.07 2.02 -1.95
N GLY A 5 -7.17 1.20 -2.42
CA GLY A 5 -7.26 0.69 -3.76
C GLY A 5 -6.14 1.20 -4.63
N THR A 6 -5.55 2.31 -4.22
CA THR A 6 -4.39 2.86 -4.86
C THR A 6 -3.18 2.01 -4.44
N SER A 7 -2.35 1.63 -5.41
CA SER A 7 -1.24 0.75 -5.16
C SER A 7 -0.11 1.43 -4.37
N CYS A 8 0.48 0.67 -3.49
CA CYS A 8 1.59 1.10 -2.68
C CYS A 8 2.61 -0.01 -2.68
N ILE A 9 3.83 0.30 -2.28
CA ILE A 9 4.87 -0.70 -2.21
C ILE A 9 5.12 -1.04 -0.73
N PRO A 10 4.69 -2.25 -0.28
CA PRO A 10 4.93 -2.71 1.09
C PRO A 10 6.43 -2.87 1.36
N GLY A 11 6.85 -2.61 2.57
CA GLY A 11 8.26 -2.67 2.91
C GLY A 11 8.98 -1.36 2.64
N ALA A 12 8.57 -0.68 1.58
CA ALA A 12 9.14 0.58 1.17
C ALA A 12 8.16 1.69 1.53
N GLN A 13 8.25 2.82 0.83
CA GLN A 13 7.38 3.96 1.05
C GLN A 13 5.91 3.64 0.74
N HIS A 14 5.08 3.90 1.71
CA HIS A 14 3.65 3.74 1.61
C HIS A 14 2.91 4.88 2.29
N ASN A 15 2.69 5.92 1.51
CA ASN A 15 2.07 7.20 1.95
C ASN A 15 0.54 7.16 2.04
N CYS A 16 -0.01 5.93 2.11
CA CYS A 16 -1.46 5.63 2.25
C CYS A 16 -2.17 6.49 3.31
N CYS A 17 -3.46 6.77 3.10
CA CYS A 17 -4.27 7.61 3.99
C CYS A 17 -4.49 6.93 5.35
N SER A 18 -4.53 5.61 5.36
CA SER A 18 -4.63 4.85 6.60
C SER A 18 -3.23 4.57 7.16
N GLY A 19 -2.26 4.52 6.26
CA GLY A 19 -0.88 4.23 6.59
C GLY A 19 -0.54 2.79 6.27
N VAL A 20 -1.54 1.94 6.26
CA VAL A 20 -1.38 0.52 6.08
C VAL A 20 -1.38 0.18 4.58
N CYS A 21 -0.37 -0.55 4.17
CA CYS A 21 -0.24 -1.03 2.82
C CYS A 21 -0.39 -2.53 2.86
N VAL A 22 -1.45 -3.02 2.26
CA VAL A 22 -1.79 -4.43 2.29
C VAL A 22 -1.17 -5.14 1.08
N PRO A 23 -0.22 -6.10 1.31
CA PRO A 23 0.39 -6.91 0.23
C PRO A 23 -0.68 -7.76 -0.47
N ILE A 24 -0.86 -7.53 -1.75
CA ILE A 24 -1.86 -8.24 -2.51
C ILE A 24 -1.21 -9.34 -3.33
N VAL A 25 -0.31 -8.93 -4.19
CA VAL A 25 0.40 -9.88 -5.02
C VAL A 25 1.58 -10.44 -4.25
N THR A 26 2.37 -9.55 -3.68
CA THR A 26 3.55 -9.87 -2.91
C THR A 26 3.74 -8.76 -1.90
N ILE A 27 4.84 -8.77 -1.17
CA ILE A 27 5.21 -7.66 -0.29
C ILE A 27 5.90 -6.56 -1.12
N PHE A 28 5.87 -6.68 -2.43
CA PHE A 28 6.45 -5.71 -3.30
C PHE A 28 5.34 -4.99 -4.07
N TYR A 29 4.12 -5.53 -4.01
CA TYR A 29 3.01 -4.93 -4.72
C TYR A 29 1.72 -5.13 -3.93
N GLY A 30 1.18 -4.04 -3.44
CA GLY A 30 -0.03 -4.09 -2.70
C GLY A 30 -0.86 -2.86 -2.93
N VAL A 31 -1.92 -2.70 -2.14
CA VAL A 31 -2.80 -1.54 -2.21
C VAL A 31 -3.06 -1.02 -0.80
N CYS A 32 -3.35 0.24 -0.70
CA CYS A 32 -3.61 0.88 0.56
C CYS A 32 -4.93 0.43 1.17
N TYR A 33 -4.93 0.33 2.48
CA TYR A 33 -6.04 -0.12 3.28
C TYR A 33 -7.13 0.95 3.35
C1 BDF B . -1.22 11.87 -1.04
C2 BDF B . -1.33 13.33 -1.42
C3 BDF B . -0.50 13.66 -2.66
C4 BDF B . 1.02 13.64 -2.35
C5 BDF B . 1.35 14.52 -1.15
C6 BDF B . 0.47 14.09 0.06
O2 BDF B . -2.66 13.65 -1.66
O3 BDF B . -0.89 14.93 -3.12
O4 BDF B . 1.51 12.32 -2.12
O5 BDF B . 2.71 14.34 -0.82
O6 BDF B . -0.94 14.17 -0.28
H11 BDF B . -0.16 11.61 -0.87
H12 BDF B . -1.59 11.24 -1.86
H3 BDF B . -0.73 12.91 -3.44
H4 BDF B . 1.52 14.06 -3.23
H5 BDF B . 1.13 15.56 -1.40
H61 BDF B . 0.66 14.79 0.88
H62 BDF B . 0.72 13.09 0.39
HO2 BDF B . -3.14 13.44 -0.86
HO3 BDF B . -1.85 14.85 -3.21
HO4 BDF B . 2.46 12.42 -1.97
HO5 BDF B . 3.24 14.60 -1.59
N CYS A 1 -2.35 11.90 0.67
CA CYS A 1 -2.16 10.48 0.94
C CYS A 1 -2.70 9.61 -0.20
N LEU A 2 -2.27 8.35 -0.26
CA LEU A 2 -2.79 7.41 -1.25
C LEU A 2 -4.07 6.81 -0.70
N GLU A 3 -5.14 6.91 -1.47
CA GLU A 3 -6.45 6.42 -1.06
C GLU A 3 -6.53 4.89 -1.07
N SER A 4 -7.58 4.36 -0.48
CA SER A 4 -7.82 2.95 -0.38
C SER A 4 -7.97 2.28 -1.75
N GLY A 5 -7.16 1.27 -2.01
CA GLY A 5 -7.18 0.59 -3.28
C GLY A 5 -6.11 1.06 -4.25
N THR A 6 -5.34 2.06 -3.85
CA THR A 6 -4.26 2.57 -4.67
C THR A 6 -3.02 1.76 -4.38
N SER A 7 -2.36 1.31 -5.43
CA SER A 7 -1.19 0.47 -5.31
C SER A 7 -0.03 1.18 -4.61
N CYS A 8 0.52 0.49 -3.64
CA CYS A 8 1.63 0.94 -2.86
C CYS A 8 2.64 -0.20 -2.79
N ILE A 9 3.84 0.11 -2.40
CA ILE A 9 4.85 -0.89 -2.25
C ILE A 9 5.11 -1.12 -0.76
N PRO A 10 4.73 -2.31 -0.20
CA PRO A 10 4.99 -2.65 1.20
C PRO A 10 6.50 -2.76 1.44
N GLY A 11 6.95 -2.25 2.55
CA GLY A 11 8.38 -2.25 2.84
C GLY A 11 9.03 -0.93 2.47
N ALA A 12 8.60 -0.37 1.33
CA ALA A 12 9.10 0.90 0.85
C ALA A 12 8.23 2.03 1.41
N GLN A 13 8.26 3.19 0.79
CA GLN A 13 7.42 4.28 1.27
C GLN A 13 6.01 4.11 0.76
N HIS A 14 5.08 4.27 1.67
CA HIS A 14 3.67 4.14 1.41
C HIS A 14 2.89 5.21 2.17
N ASN A 15 2.57 6.26 1.46
CA ASN A 15 1.89 7.47 2.01
C ASN A 15 0.36 7.31 2.16
N CYS A 16 -0.13 6.06 2.14
CA CYS A 16 -1.56 5.66 2.27
C CYS A 16 -2.30 6.44 3.39
N CYS A 17 -3.58 6.73 3.17
CA CYS A 17 -4.41 7.50 4.11
C CYS A 17 -4.62 6.79 5.44
N SER A 18 -4.62 5.46 5.42
CA SER A 18 -4.69 4.69 6.64
C SER A 18 -3.27 4.44 7.19
N GLY A 19 -2.29 4.54 6.29
CA GLY A 19 -0.90 4.28 6.63
C GLY A 19 -0.50 2.87 6.28
N VAL A 20 -1.50 2.02 6.17
CA VAL A 20 -1.32 0.60 5.96
C VAL A 20 -1.32 0.26 4.47
N CYS A 21 -0.33 -0.49 4.07
CA CYS A 21 -0.18 -0.97 2.72
C CYS A 21 -0.36 -2.48 2.78
N VAL A 22 -1.41 -2.96 2.17
CA VAL A 22 -1.78 -4.37 2.23
C VAL A 22 -1.24 -5.11 1.00
N PRO A 23 -0.32 -6.12 1.21
CA PRO A 23 0.20 -6.98 0.12
C PRO A 23 -0.92 -7.70 -0.67
N ILE A 24 -0.84 -7.60 -1.98
CA ILE A 24 -1.84 -8.20 -2.85
C ILE A 24 -1.21 -9.29 -3.70
N VAL A 25 -0.29 -8.89 -4.55
CA VAL A 25 0.38 -9.81 -5.45
C VAL A 25 1.48 -10.53 -4.68
N THR A 26 2.29 -9.76 -4.02
CA THR A 26 3.40 -10.23 -3.23
C THR A 26 3.50 -9.30 -2.04
N ILE A 27 4.56 -9.45 -1.24
CA ILE A 27 4.85 -8.50 -0.16
C ILE A 27 5.67 -7.31 -0.70
N PHE A 28 5.83 -7.29 -2.02
CA PHE A 28 6.55 -6.26 -2.70
C PHE A 28 5.58 -5.41 -3.53
N TYR A 29 4.30 -5.83 -3.58
CA TYR A 29 3.30 -5.12 -4.39
C TYR A 29 1.92 -5.30 -3.75
N GLY A 30 1.32 -4.20 -3.34
CA GLY A 30 0.03 -4.24 -2.74
C GLY A 30 -0.77 -3.00 -3.00
N VAL A 31 -1.84 -2.80 -2.24
CA VAL A 31 -2.70 -1.62 -2.32
C VAL A 31 -3.00 -1.12 -0.90
N CYS A 32 -3.16 0.18 -0.76
CA CYS A 32 -3.44 0.82 0.51
C CYS A 32 -4.77 0.37 1.09
N TYR A 33 -4.79 0.22 2.41
CA TYR A 33 -5.96 -0.17 3.16
C TYR A 33 -7.02 0.91 3.07
C1 BDF B . -1.85 12.88 1.61
C2 BDF B . -2.33 14.25 1.21
C3 BDF B . -1.86 15.33 2.16
C4 BDF B . -2.57 15.24 3.54
C5 BDF B . -4.09 15.18 3.39
C6 BDF B . -4.46 14.06 2.39
O2 BDF B . -1.87 14.55 -0.07
O3 BDF B . -2.12 16.58 1.55
O4 BDF B . -2.13 14.12 4.31
O5 BDF B . -4.61 14.84 4.65
O6 BDF B . -3.79 14.27 1.10
H11 BDF B . -2.18 12.67 2.63
H12 BDF B . -0.75 12.86 1.60
H3 BDF B . -0.77 15.20 2.28
H4 BDF B . -2.32 16.17 4.09
H5 BDF B . -4.47 16.14 3.02
H61 BDF B . -5.55 14.12 2.20
H62 BDF B . -4.24 13.06 2.78
HO2 BDF B . -2.20 13.86 -0.65
HO3 BDF B . -1.78 16.47 0.66
HO4 BDF B . -1.17 14.21 4.45
HO5 BDF B . -4.11 14.05 4.91
N CYS A 1 -2.11 11.81 0.46
CA CYS A 1 -2.12 10.40 0.88
C CYS A 1 -2.64 9.45 -0.22
N LEU A 2 -2.17 8.22 -0.21
CA LEU A 2 -2.64 7.22 -1.14
C LEU A 2 -3.92 6.60 -0.60
N GLU A 3 -4.98 6.73 -1.32
CA GLU A 3 -6.30 6.24 -0.94
C GLU A 3 -6.45 4.73 -1.07
N SER A 4 -7.55 4.21 -0.52
CA SER A 4 -7.87 2.80 -0.56
C SER A 4 -7.96 2.28 -2.01
N GLY A 5 -7.09 1.33 -2.33
CA GLY A 5 -7.07 0.78 -3.67
C GLY A 5 -5.89 1.27 -4.48
N THR A 6 -5.31 2.38 -4.06
CA THR A 6 -4.15 2.95 -4.71
C THR A 6 -2.94 2.09 -4.36
N SER A 7 -2.22 1.67 -5.38
CA SER A 7 -1.11 0.77 -5.25
C SER A 7 0.06 1.41 -4.51
N CYS A 8 0.60 0.64 -3.60
CA CYS A 8 1.73 1.02 -2.81
C CYS A 8 2.69 -0.17 -2.78
N ILE A 9 3.92 0.07 -2.41
CA ILE A 9 4.87 -0.99 -2.32
C ILE A 9 5.19 -1.22 -0.84
N PRO A 10 4.83 -2.41 -0.28
CA PRO A 10 5.16 -2.75 1.10
C PRO A 10 6.67 -2.91 1.26
N GLY A 11 7.22 -2.32 2.31
CA GLY A 11 8.66 -2.37 2.51
C GLY A 11 9.36 -1.21 1.81
N ALA A 12 8.57 -0.29 1.33
CA ALA A 12 9.03 0.92 0.68
C ALA A 12 8.12 2.03 1.16
N GLN A 13 8.04 3.13 0.43
CA GLN A 13 7.20 4.23 0.83
C GLN A 13 5.71 3.96 0.56
N HIS A 14 4.93 4.09 1.59
CA HIS A 14 3.50 3.89 1.54
C HIS A 14 2.80 4.97 2.35
N ASN A 15 2.54 6.07 1.67
CA ASN A 15 1.95 7.30 2.24
C ASN A 15 0.42 7.24 2.40
N CYS A 16 -0.14 6.01 2.35
CA CYS A 16 -1.58 5.69 2.47
C CYS A 16 -2.30 6.49 3.58
N CYS A 17 -3.58 6.81 3.32
CA CYS A 17 -4.42 7.60 4.24
C CYS A 17 -4.68 6.85 5.55
N SER A 18 -4.75 5.52 5.48
CA SER A 18 -4.88 4.67 6.65
C SER A 18 -3.48 4.40 7.24
N GLY A 19 -2.49 4.38 6.35
CA GLY A 19 -1.13 4.12 6.73
C GLY A 19 -0.72 2.73 6.32
N VAL A 20 -1.70 1.86 6.18
CA VAL A 20 -1.47 0.46 5.92
C VAL A 20 -1.43 0.16 4.43
N CYS A 21 -0.41 -0.54 4.04
CA CYS A 21 -0.23 -1.01 2.69
C CYS A 21 -0.46 -2.51 2.74
N VAL A 22 -1.55 -2.95 2.18
CA VAL A 22 -1.94 -4.34 2.21
C VAL A 22 -1.26 -5.08 1.04
N PRO A 23 -0.36 -6.06 1.32
CA PRO A 23 0.30 -6.86 0.29
C PRO A 23 -0.72 -7.71 -0.47
N ILE A 24 -0.83 -7.48 -1.76
CA ILE A 24 -1.84 -8.15 -2.56
C ILE A 24 -1.23 -9.30 -3.33
N VAL A 25 -0.26 -8.99 -4.15
CA VAL A 25 0.38 -10.00 -4.96
C VAL A 25 1.45 -10.68 -4.11
N THR A 26 2.28 -9.86 -3.52
CA THR A 26 3.37 -10.26 -2.69
C THR A 26 3.65 -9.11 -1.75
N ILE A 27 4.73 -9.20 -0.99
CA ILE A 27 5.21 -8.10 -0.15
C ILE A 27 5.97 -7.04 -0.98
N PHE A 28 5.93 -7.20 -2.30
CA PHE A 28 6.56 -6.29 -3.22
C PHE A 28 5.51 -5.48 -3.98
N TYR A 29 4.22 -5.83 -3.83
CA TYR A 29 3.16 -5.12 -4.57
C TYR A 29 1.84 -5.24 -3.82
N GLY A 30 1.30 -4.11 -3.41
CA GLY A 30 0.05 -4.10 -2.71
C GLY A 30 -0.76 -2.86 -2.99
N VAL A 31 -1.82 -2.66 -2.22
CA VAL A 31 -2.69 -1.48 -2.32
C VAL A 31 -3.00 -1.01 -0.91
N CYS A 32 -3.25 0.27 -0.75
CA CYS A 32 -3.56 0.84 0.54
C CYS A 32 -4.93 0.38 1.07
N TYR A 33 -5.00 0.27 2.38
CA TYR A 33 -6.21 -0.12 3.09
C TYR A 33 -7.22 1.02 3.00
C1 BDF B . -3.31 12.47 -0.06
C2 BDF B . -2.97 13.92 -0.31
C3 BDF B . -4.13 14.71 -0.89
C4 BDF B . -4.39 14.35 -2.38
C5 BDF B . -3.10 14.44 -3.19
C6 BDF B . -2.01 13.59 -2.54
O2 BDF B . -2.60 14.52 0.89
O3 BDF B . -3.79 16.08 -0.76
O4 BDF B . -4.96 13.07 -2.53
O5 BDF B . -3.36 13.94 -4.50
O6 BDF B . -1.79 14.03 -1.17
H11 BDF B . -3.64 12.00 -0.99
H12 BDF B . -4.11 12.40 0.69
H3 BDF B . -5.01 14.48 -0.28
H4 BDF B . -5.09 15.10 -2.78
H5 BDF B . -2.77 15.49 -3.23
H61 BDF B . -1.07 13.72 -3.10
H62 BDF B . -2.28 12.53 -2.55
HO2 BDF B . -1.90 13.95 1.24
HO3 BDF B . -3.51 16.12 0.17
HO4 BDF B . -5.08 12.93 -3.48
HO5 BDF B . -4.06 14.47 -4.89
N CYS A 1 -1.69 11.76 0.36
CA CYS A 1 -1.67 10.43 0.92
C CYS A 1 -2.27 9.48 -0.13
N LEU A 2 -1.84 8.23 -0.15
CA LEU A 2 -2.38 7.27 -1.11
C LEU A 2 -3.75 6.78 -0.62
N GLU A 3 -4.78 6.97 -1.44
CA GLU A 3 -6.15 6.61 -1.09
C GLU A 3 -6.37 5.08 -1.00
N SER A 4 -7.49 4.66 -0.46
CA SER A 4 -7.84 3.27 -0.32
C SER A 4 -7.98 2.61 -1.70
N GLY A 5 -7.14 1.63 -1.97
CA GLY A 5 -7.17 0.96 -3.23
C GLY A 5 -5.96 1.27 -4.09
N THR A 6 -5.21 2.33 -3.75
CA THR A 6 -4.01 2.73 -4.49
C THR A 6 -2.90 1.71 -4.26
N SER A 7 -2.23 1.33 -5.33
CA SER A 7 -1.17 0.38 -5.27
C SER A 7 0.02 0.99 -4.52
N CYS A 8 0.41 0.34 -3.47
CA CYS A 8 1.51 0.73 -2.66
C CYS A 8 2.56 -0.36 -2.67
N ILE A 9 3.74 -0.02 -2.29
CA ILE A 9 4.81 -0.95 -2.22
C ILE A 9 5.21 -1.09 -0.75
N PRO A 10 5.00 -2.28 -0.13
CA PRO A 10 5.45 -2.56 1.22
C PRO A 10 6.98 -2.55 1.27
N GLY A 11 7.53 -1.72 2.14
CA GLY A 11 8.96 -1.58 2.23
C GLY A 11 9.43 -0.23 1.72
N ALA A 12 8.61 0.40 0.89
CA ALA A 12 8.90 1.70 0.34
C ALA A 12 7.99 2.74 1.02
N GLN A 13 7.84 3.93 0.42
CA GLN A 13 7.03 4.99 1.01
C GLN A 13 5.54 4.73 0.79
N HIS A 14 4.94 4.04 1.72
CA HIS A 14 3.53 3.78 1.69
C HIS A 14 2.80 4.83 2.53
N ASN A 15 2.70 6.00 1.94
CA ASN A 15 2.13 7.21 2.53
C ASN A 15 0.60 7.24 2.53
N CYS A 16 -0.01 6.06 2.38
CA CYS A 16 -1.46 5.83 2.38
C CYS A 16 -2.21 6.62 3.48
N CYS A 17 -3.44 7.03 3.18
CA CYS A 17 -4.28 7.79 4.11
C CYS A 17 -4.66 6.91 5.32
N SER A 18 -4.74 5.61 5.10
CA SER A 18 -4.99 4.65 6.14
C SER A 18 -3.67 4.21 6.80
N GLY A 19 -2.59 4.36 6.05
CA GLY A 19 -1.24 4.02 6.49
C GLY A 19 -0.87 2.59 6.19
N VAL A 20 -1.87 1.74 6.14
CA VAL A 20 -1.71 0.32 5.98
C VAL A 20 -1.59 -0.02 4.50
N CYS A 21 -0.56 -0.72 4.16
CA CYS A 21 -0.31 -1.21 2.84
C CYS A 21 -0.50 -2.72 2.90
N VAL A 22 -1.51 -3.22 2.23
CA VAL A 22 -1.84 -4.62 2.26
C VAL A 22 -1.30 -5.31 1.00
N PRO A 23 -0.34 -6.26 1.14
CA PRO A 23 0.19 -7.07 0.03
C PRO A 23 -0.92 -7.81 -0.75
N ILE A 24 -0.91 -7.65 -2.06
CA ILE A 24 -1.92 -8.25 -2.93
C ILE A 24 -1.30 -9.36 -3.76
N VAL A 25 -0.33 -9.00 -4.58
CA VAL A 25 0.33 -9.97 -5.43
C VAL A 25 1.42 -10.69 -4.64
N THR A 26 2.27 -9.91 -4.02
CA THR A 26 3.36 -10.39 -3.20
C THR A 26 3.49 -9.45 -2.03
N ILE A 27 4.49 -9.65 -1.18
CA ILE A 27 4.80 -8.71 -0.10
C ILE A 27 5.60 -7.51 -0.65
N PHE A 28 5.76 -7.47 -1.95
CA PHE A 28 6.49 -6.43 -2.63
C PHE A 28 5.54 -5.56 -3.47
N TYR A 29 4.25 -5.93 -3.48
CA TYR A 29 3.24 -5.22 -4.27
C TYR A 29 1.88 -5.35 -3.58
N GLY A 30 1.31 -4.25 -3.19
CA GLY A 30 0.03 -4.27 -2.55
C GLY A 30 -0.83 -3.07 -2.88
N VAL A 31 -1.87 -2.87 -2.10
CA VAL A 31 -2.75 -1.70 -2.21
C VAL A 31 -3.03 -1.19 -0.79
N CYS A 32 -3.22 0.11 -0.66
CA CYS A 32 -3.53 0.73 0.60
C CYS A 32 -4.91 0.31 1.06
N TYR A 33 -5.01 0.06 2.35
CA TYR A 33 -6.23 -0.39 3.02
C TYR A 33 -7.38 0.58 2.80
C1 BDF B . -1.27 12.92 1.11
C2 BDF B . -1.32 14.08 0.15
C3 BDF B . -0.93 15.41 0.80
C4 BDF B . -2.04 15.95 1.74
C5 BDF B . -3.40 15.95 1.06
C6 BDF B . -3.69 14.57 0.47
O2 BDF B . -0.47 13.83 -0.91
O3 BDF B . -0.67 16.31 -0.26
O4 BDF B . -2.13 15.22 2.95
O5 BDF B . -4.39 16.23 2.05
O6 BDF B . -2.65 14.17 -0.46
H11 BDF B . -1.94 13.11 1.96
H12 BDF B . -0.25 12.77 1.48
H3 BDF B . 0.00 15.22 1.36
H4 BDF B . -1.79 16.99 1.97
H5 BDF B . -3.41 16.71 0.26
H61 BDF B . -4.62 14.64 -0.12
H62 BDF B . -3.83 13.81 1.26
HO2 BDF B . -0.72 12.99 -1.30
HO3 BDF B . -0.08 15.82 -0.83
HO4 BDF B . -2.88 15.65 3.39
HO5 BDF B . -5.25 16.19 1.62
N CYS A 1 -1.37 11.60 0.14
CA CYS A 1 -1.50 10.22 0.56
C CYS A 1 -2.13 9.37 -0.54
N LEU A 2 -1.80 8.08 -0.57
CA LEU A 2 -2.43 7.16 -1.51
C LEU A 2 -3.69 6.62 -0.87
N GLU A 3 -4.82 6.73 -1.56
CA GLU A 3 -6.10 6.32 -1.01
C GLU A 3 -6.27 4.80 -1.00
N SER A 4 -7.30 4.35 -0.29
CA SER A 4 -7.67 2.96 -0.21
C SER A 4 -7.96 2.38 -1.62
N GLY A 5 -7.19 1.39 -2.01
CA GLY A 5 -7.33 0.80 -3.33
C GLY A 5 -6.17 1.14 -4.24
N THR A 6 -5.45 2.20 -3.92
CA THR A 6 -4.29 2.62 -4.68
C THR A 6 -3.09 1.74 -4.30
N SER A 7 -2.36 1.28 -5.30
CA SER A 7 -1.24 0.40 -5.12
C SER A 7 -0.08 1.08 -4.38
N CYS A 8 0.38 0.42 -3.36
CA CYS A 8 1.49 0.83 -2.57
C CYS A 8 2.52 -0.26 -2.60
N ILE A 9 3.75 0.07 -2.32
CA ILE A 9 4.81 -0.90 -2.30
C ILE A 9 5.20 -1.12 -0.83
N PRO A 10 4.91 -2.32 -0.26
CA PRO A 10 5.34 -2.66 1.08
C PRO A 10 6.88 -2.72 1.12
N GLY A 11 7.46 -2.01 2.05
CA GLY A 11 8.89 -1.92 2.13
C GLY A 11 9.36 -0.53 1.78
N ALA A 12 8.57 0.15 0.95
CA ALA A 12 8.83 1.52 0.55
C ALA A 12 8.04 2.45 1.45
N GLN A 13 8.02 3.74 1.13
CA GLN A 13 7.24 4.70 1.87
C GLN A 13 5.79 4.57 1.46
N HIS A 14 5.05 3.86 2.26
CA HIS A 14 3.66 3.68 2.03
C HIS A 14 2.87 4.77 2.69
N ASN A 15 2.79 5.87 1.97
CA ASN A 15 2.16 7.14 2.39
C ASN A 15 0.63 7.10 2.36
N CYS A 16 0.06 5.90 2.33
CA CYS A 16 -1.40 5.64 2.32
C CYS A 16 -2.17 6.51 3.33
N CYS A 17 -3.40 6.89 2.96
CA CYS A 17 -4.25 7.76 3.80
C CYS A 17 -4.66 7.07 5.10
N SER A 18 -4.81 5.76 5.05
CA SER A 18 -5.07 4.93 6.21
C SER A 18 -3.74 4.59 6.92
N GLY A 19 -2.68 4.55 6.13
CA GLY A 19 -1.34 4.27 6.62
C GLY A 19 -0.90 2.86 6.32
N VAL A 20 -1.87 1.96 6.22
CA VAL A 20 -1.59 0.55 6.06
C VAL A 20 -1.55 0.18 4.58
N CYS A 21 -0.54 -0.57 4.22
CA CYS A 21 -0.37 -1.10 2.90
C CYS A 21 -0.62 -2.59 2.98
N VAL A 22 -1.60 -3.07 2.28
CA VAL A 22 -1.95 -4.48 2.31
C VAL A 22 -1.38 -5.18 1.07
N PRO A 23 -0.33 -6.05 1.23
CA PRO A 23 0.26 -6.83 0.13
C PRO A 23 -0.76 -7.76 -0.54
N ILE A 24 -0.89 -7.65 -1.84
CA ILE A 24 -1.89 -8.42 -2.57
C ILE A 24 -1.21 -9.47 -3.43
N VAL A 25 -0.41 -9.02 -4.38
CA VAL A 25 0.25 -9.90 -5.33
C VAL A 25 1.47 -10.54 -4.67
N THR A 26 2.30 -9.72 -4.10
CA THR A 26 3.50 -10.13 -3.42
C THR A 26 3.68 -9.21 -2.22
N ILE A 27 4.79 -9.34 -1.52
CA ILE A 27 5.14 -8.40 -0.45
C ILE A 27 5.85 -7.17 -1.03
N PHE A 28 5.86 -7.09 -2.36
CA PHE A 28 6.45 -5.99 -3.09
C PHE A 28 5.37 -5.23 -3.86
N TYR A 29 4.11 -5.70 -3.79
CA TYR A 29 3.02 -5.07 -4.50
C TYR A 29 1.71 -5.28 -3.75
N GLY A 30 1.18 -4.21 -3.23
CA GLY A 30 -0.07 -4.26 -2.54
C GLY A 30 -0.91 -3.06 -2.83
N VAL A 31 -1.97 -2.88 -2.10
CA VAL A 31 -2.83 -1.71 -2.21
C VAL A 31 -3.16 -1.23 -0.81
N CYS A 32 -3.31 0.07 -0.67
CA CYS A 32 -3.60 0.68 0.61
C CYS A 32 -4.93 0.23 1.17
N TYR A 33 -4.96 0.06 2.49
CA TYR A 33 -6.14 -0.34 3.25
C TYR A 33 -7.26 0.64 3.02
C1 BDF B . -0.78 12.58 1.02
C2 BDF B . -0.65 13.91 0.31
C3 BDF B . 0.23 13.81 -0.93
C4 BDF B . 1.74 13.65 -0.55
C5 BDF B . 2.17 14.71 0.45
C6 BDF B . 1.23 14.71 1.66
O2 BDF B . -1.92 14.36 -0.10
O3 BDF B . 0.03 14.98 -1.67
O4 BDF B . 2.03 12.37 -0.02
O5 BDF B . 3.48 14.39 0.88
O6 BDF B . -0.16 14.93 1.24
H11 BDF B . -1.42 12.71 1.91
H12 BDF B . 0.20 12.21 1.35
H3 BDF B . -0.11 12.94 -1.50
H4 BDF B . 2.32 13.80 -1.47
H5 BDF B . 2.14 15.69 -0.04
H61 BDF B . 1.53 15.51 2.35
H62 BDF B . 1.31 13.75 2.20
HO2 BDF B . -2.45 14.49 0.69
HO3 BDF B . -0.93 15.03 -1.73
HO4 BDF B . 2.99 12.39 0.15
HO5 BDF B . 4.05 14.35 0.10
N CYS A 1 -2.01 11.73 0.05
CA CYS A 1 -1.85 10.35 0.47
C CYS A 1 -2.46 9.41 -0.57
N LEU A 2 -2.05 8.15 -0.55
CA LEU A 2 -2.62 7.15 -1.44
C LEU A 2 -3.89 6.61 -0.82
N GLU A 3 -4.98 6.70 -1.55
CA GLU A 3 -6.30 6.25 -1.09
C GLU A 3 -6.41 4.73 -1.15
N SER A 4 -7.46 4.21 -0.55
CA SER A 4 -7.79 2.80 -0.53
C SER A 4 -7.91 2.22 -1.95
N GLY A 5 -7.15 1.18 -2.21
CA GLY A 5 -7.17 0.52 -3.51
C GLY A 5 -6.03 0.96 -4.40
N THR A 6 -5.33 2.02 -4.01
CA THR A 6 -4.19 2.50 -4.76
C THR A 6 -2.98 1.65 -4.39
N SER A 7 -2.21 1.25 -5.40
CA SER A 7 -1.08 0.40 -5.21
C SER A 7 0.05 1.10 -4.45
N CYS A 8 0.49 0.46 -3.41
CA CYS A 8 1.58 0.87 -2.59
C CYS A 8 2.58 -0.27 -2.57
N ILE A 9 3.78 0.00 -2.19
CA ILE A 9 4.77 -1.05 -2.13
C ILE A 9 5.10 -1.30 -0.66
N PRO A 10 4.76 -2.50 -0.13
CA PRO A 10 5.09 -2.88 1.24
C PRO A 10 6.62 -2.94 1.42
N GLY A 11 7.12 -2.19 2.38
CA GLY A 11 8.54 -2.12 2.60
C GLY A 11 9.14 -0.81 2.12
N ALA A 12 8.41 -0.15 1.24
CA ALA A 12 8.80 1.14 0.72
C ALA A 12 8.10 2.23 1.51
N GLN A 13 8.21 3.47 1.08
CA GLN A 13 7.55 4.55 1.77
C GLN A 13 6.09 4.61 1.33
N HIS A 14 5.25 4.02 2.13
CA HIS A 14 3.83 3.94 1.88
C HIS A 14 3.09 5.05 2.64
N ASN A 15 2.80 6.08 1.90
CA ASN A 15 2.17 7.31 2.41
C ASN A 15 0.63 7.25 2.40
N CYS A 16 0.07 6.02 2.32
CA CYS A 16 -1.40 5.73 2.34
C CYS A 16 -2.18 6.56 3.39
N CYS A 17 -3.42 6.92 3.08
CA CYS A 17 -4.26 7.76 3.97
C CYS A 17 -4.57 7.05 5.30
N SER A 18 -4.67 5.73 5.25
CA SER A 18 -4.85 4.92 6.45
C SER A 18 -3.49 4.62 7.08
N GLY A 19 -2.46 4.55 6.24
CA GLY A 19 -1.11 4.22 6.66
C GLY A 19 -0.77 2.79 6.36
N VAL A 20 -1.80 1.97 6.24
CA VAL A 20 -1.67 0.54 6.08
C VAL A 20 -1.54 0.17 4.59
N CYS A 21 -0.50 -0.56 4.27
CA CYS A 21 -0.27 -1.07 2.95
C CYS A 21 -0.39 -2.60 3.01
N VAL A 22 -1.42 -3.11 2.38
CA VAL A 22 -1.71 -4.53 2.42
C VAL A 22 -1.15 -5.21 1.17
N PRO A 23 -0.19 -6.18 1.31
CA PRO A 23 0.36 -6.95 0.17
C PRO A 23 -0.75 -7.72 -0.56
N ILE A 24 -0.80 -7.59 -1.86
CA ILE A 24 -1.84 -8.23 -2.65
C ILE A 24 -1.26 -9.39 -3.43
N VAL A 25 -0.40 -9.09 -4.37
CA VAL A 25 0.22 -10.12 -5.18
C VAL A 25 1.40 -10.68 -4.40
N THR A 26 2.25 -9.78 -3.95
CA THR A 26 3.42 -10.11 -3.19
C THR A 26 3.64 -8.97 -2.21
N ILE A 27 4.76 -9.02 -1.51
CA ILE A 27 5.19 -7.93 -0.65
C ILE A 27 5.88 -6.82 -1.46
N PHE A 28 5.81 -6.93 -2.78
CA PHE A 28 6.33 -5.93 -3.67
C PHE A 28 5.20 -5.24 -4.42
N TYR A 29 3.97 -5.68 -4.18
CA TYR A 29 2.81 -5.10 -4.84
C TYR A 29 1.60 -5.24 -3.94
N GLY A 30 1.21 -4.17 -3.34
CA GLY A 30 0.07 -4.15 -2.47
C GLY A 30 -0.81 -2.98 -2.76
N VAL A 31 -1.84 -2.79 -1.96
CA VAL A 31 -2.74 -1.64 -2.06
C VAL A 31 -3.05 -1.12 -0.66
N CYS A 32 -3.30 0.16 -0.57
CA CYS A 32 -3.61 0.82 0.68
C CYS A 32 -5.00 0.41 1.20
N TYR A 33 -5.08 0.27 2.52
CA TYR A 33 -6.30 -0.10 3.24
C TYR A 33 -7.36 0.99 3.09
C1 BDF B . -1.51 12.78 0.92
C2 BDF B . -1.92 14.13 0.39
C3 BDF B . -1.44 15.25 1.30
C4 BDF B . -2.22 15.29 2.64
C5 BDF B . -3.72 15.33 2.37
C6 BDF B . -4.12 14.15 1.49
O2 BDF B . -1.41 14.32 -0.89
O3 BDF B . -1.60 16.47 0.59
O4 BDF B . -1.90 14.16 3.46
O5 BDF B . -4.41 15.24 3.61
O6 BDF B . -3.37 14.18 0.22
H11 BDF B . -1.88 12.66 1.93
H12 BDF B . -0.41 12.71 0.94
H3 BDF B . -0.38 15.07 1.47
H4 BDF B . -1.91 16.22 3.14
H5 BDF B . -3.98 16.26 1.86
H61 BDF B . -5.19 14.23 1.25
H62 BDF B . -3.95 13.18 2.00
HO2 BDF B . -1.77 13.59 -1.40
HO3 BDF B . -1.19 16.29 -0.27
HO4 BDF B . -0.95 14.13 3.60
HO5 BDF B . -5.35 15.23 3.39
N CYS A 1 -2.07 11.84 0.39
CA CYS A 1 -1.90 10.40 0.69
C CYS A 1 -2.49 9.48 -0.40
N LEU A 2 -2.06 8.23 -0.43
CA LEU A 2 -2.62 7.24 -1.34
C LEU A 2 -3.88 6.70 -0.71
N GLU A 3 -4.98 6.79 -1.40
CA GLU A 3 -6.27 6.37 -0.87
C GLU A 3 -6.46 4.84 -0.95
N SER A 4 -7.49 4.37 -0.30
CA SER A 4 -7.86 2.97 -0.28
C SER A 4 -8.11 2.45 -1.69
N GLY A 5 -7.34 1.44 -2.08
CA GLY A 5 -7.45 0.87 -3.40
C GLY A 5 -6.26 1.21 -4.28
N THR A 6 -5.60 2.32 -3.97
CA THR A 6 -4.44 2.78 -4.72
C THR A 6 -3.23 1.87 -4.43
N SER A 7 -2.55 1.46 -5.50
CA SER A 7 -1.42 0.55 -5.39
C SER A 7 -0.22 1.20 -4.69
N CYS A 8 0.30 0.50 -3.70
CA CYS A 8 1.44 0.93 -2.92
C CYS A 8 2.49 -0.17 -2.91
N ILE A 9 3.69 0.15 -2.49
CA ILE A 9 4.76 -0.80 -2.42
C ILE A 9 5.13 -1.04 -0.95
N PRO A 10 4.77 -2.22 -0.38
CA PRO A 10 5.19 -2.59 0.96
C PRO A 10 6.71 -2.79 1.00
N GLY A 11 7.33 -2.28 2.04
CA GLY A 11 8.76 -2.31 2.14
C GLY A 11 9.33 -0.93 1.87
N ALA A 12 8.76 -0.26 0.88
CA ALA A 12 9.15 1.08 0.51
C ALA A 12 8.26 2.07 1.25
N GLN A 13 8.40 3.35 0.94
CA GLN A 13 7.63 4.39 1.61
C GLN A 13 6.21 4.42 1.06
N HIS A 14 5.26 4.12 1.91
CA HIS A 14 3.86 4.11 1.55
C HIS A 14 3.06 5.09 2.40
N ASN A 15 2.76 6.21 1.78
CA ASN A 15 2.10 7.37 2.44
C ASN A 15 0.56 7.26 2.53
N CYS A 16 0.02 6.03 2.37
CA CYS A 16 -1.45 5.70 2.38
C CYS A 16 -2.24 6.47 3.47
N CYS A 17 -3.48 6.82 3.17
CA CYS A 17 -4.35 7.59 4.08
C CYS A 17 -4.65 6.82 5.38
N SER A 18 -4.65 5.50 5.31
CA SER A 18 -4.75 4.66 6.48
C SER A 18 -3.34 4.41 7.06
N GLY A 19 -2.38 4.24 6.16
CA GLY A 19 -1.00 3.99 6.51
C GLY A 19 -0.65 2.56 6.19
N VAL A 20 -1.67 1.73 6.19
CA VAL A 20 -1.56 0.31 5.98
C VAL A 20 -1.54 0.03 4.47
N CYS A 21 -0.55 -0.72 4.06
CA CYS A 21 -0.40 -1.13 2.69
C CYS A 21 -0.58 -2.63 2.66
N VAL A 22 -1.71 -3.07 2.14
CA VAL A 22 -2.09 -4.48 2.12
C VAL A 22 -1.43 -5.19 0.94
N PRO A 23 -0.51 -6.17 1.21
CA PRO A 23 0.16 -6.96 0.16
C PRO A 23 -0.85 -7.77 -0.66
N ILE A 24 -0.85 -7.55 -1.95
CA ILE A 24 -1.81 -8.21 -2.84
C ILE A 24 -1.11 -9.32 -3.62
N VAL A 25 -0.11 -8.95 -4.39
CA VAL A 25 0.62 -9.90 -5.18
C VAL A 25 1.69 -10.56 -4.32
N THR A 26 2.48 -9.75 -3.67
CA THR A 26 3.56 -10.17 -2.82
C THR A 26 3.66 -9.17 -1.71
N ILE A 27 4.67 -9.32 -0.86
CA ILE A 27 4.97 -8.33 0.19
C ILE A 27 5.77 -7.15 -0.40
N PHE A 28 5.87 -7.11 -1.72
CA PHE A 28 6.53 -6.05 -2.42
C PHE A 28 5.56 -5.30 -3.34
N TYR A 29 4.29 -5.76 -3.41
CA TYR A 29 3.29 -5.11 -4.26
C TYR A 29 1.90 -5.27 -3.64
N GLY A 30 1.26 -4.17 -3.34
CA GLY A 30 -0.07 -4.21 -2.78
C GLY A 30 -0.89 -2.98 -3.08
N VAL A 31 -1.93 -2.76 -2.30
CA VAL A 31 -2.81 -1.58 -2.39
C VAL A 31 -3.10 -1.09 -0.97
N CYS A 32 -3.32 0.21 -0.82
CA CYS A 32 -3.59 0.81 0.47
C CYS A 32 -4.93 0.36 1.02
N TYR A 33 -4.97 0.19 2.33
CA TYR A 33 -6.13 -0.24 3.07
C TYR A 33 -7.21 0.82 3.02
C1 BDF B . -1.54 12.49 -0.84
C2 BDF B . -0.01 12.52 -0.88
C3 BDF B . 0.53 13.32 -2.07
C4 BDF B . 0.34 12.56 -3.42
C5 BDF B . 0.92 11.16 -3.32
C6 BDF B . 0.29 10.44 -2.12
O2 BDF B . 0.48 13.10 0.29
O3 BDF B . 1.90 13.54 -1.84
O4 BDF B . -1.02 12.49 -3.81
O5 BDF B . 0.61 10.46 -4.50
O6 BDF B . 0.54 11.18 -0.88
H11 BDF B . -1.92 11.99 -1.73
H12 BDF B . -1.92 13.52 -0.85
H3 BDF B . 0.01 14.28 -2.11
H4 BDF B . 0.91 13.11 -4.19
H5 BDF B . 2.01 11.22 -3.16
H61 BDF B . 0.76 9.44 -2.02
H62 BDF B . -0.79 10.29 -2.26
HO2 BDF B . 0.12 12.58 1.02
HO3 BDF B . 1.92 13.94 -0.96
HO4 BDF B . -1.34 13.39 -3.92
HO5 BDF B . -0.36 10.53 -4.58
N CYS A 1 -1.76 11.66 0.30
CA CYS A 1 -1.78 10.29 0.75
C CYS A 1 -2.27 9.39 -0.37
N LEU A 2 -1.82 8.14 -0.38
CA LEU A 2 -2.32 7.19 -1.38
C LEU A 2 -3.64 6.66 -0.86
N GLU A 3 -4.65 6.76 -1.67
CA GLU A 3 -6.01 6.44 -1.27
C GLU A 3 -6.24 4.92 -1.20
N SER A 4 -7.36 4.56 -0.61
CA SER A 4 -7.78 3.19 -0.50
C SER A 4 -7.91 2.54 -1.89
N GLY A 5 -7.06 1.57 -2.16
CA GLY A 5 -7.08 0.89 -3.43
C GLY A 5 -5.88 1.22 -4.30
N THR A 6 -5.14 2.27 -3.97
CA THR A 6 -3.94 2.63 -4.70
C THR A 6 -2.83 1.65 -4.35
N SER A 7 -2.08 1.24 -5.35
CA SER A 7 -1.01 0.32 -5.16
C SER A 7 0.14 0.98 -4.42
N CYS A 8 0.48 0.39 -3.32
CA CYS A 8 1.59 0.81 -2.54
C CYS A 8 2.55 -0.34 -2.50
N ILE A 9 3.79 -0.08 -2.25
CA ILE A 9 4.75 -1.14 -2.16
C ILE A 9 5.12 -1.36 -0.69
N PRO A 10 4.68 -2.52 -0.09
CA PRO A 10 5.04 -2.88 1.30
C PRO A 10 6.55 -3.08 1.44
N GLY A 11 7.18 -2.23 2.21
CA GLY A 11 8.62 -2.25 2.35
C GLY A 11 9.21 -0.94 1.90
N ALA A 12 8.46 -0.26 1.04
CA ALA A 12 8.84 1.03 0.54
C ALA A 12 8.01 2.08 1.26
N GLN A 13 8.07 3.31 0.78
CA GLN A 13 7.35 4.41 1.38
C GLN A 13 5.87 4.28 1.06
N HIS A 14 5.06 4.15 2.07
CA HIS A 14 3.63 3.99 1.91
C HIS A 14 2.85 5.03 2.72
N ASN A 15 2.63 6.17 2.10
CA ASN A 15 1.96 7.35 2.69
C ASN A 15 0.44 7.25 2.68
N CYS A 16 -0.10 6.02 2.50
CA CYS A 16 -1.53 5.70 2.45
C CYS A 16 -2.36 6.48 3.47
N CYS A 17 -3.57 6.88 3.08
CA CYS A 17 -4.47 7.69 3.90
C CYS A 17 -4.82 6.99 5.23
N SER A 18 -4.93 5.66 5.20
CA SER A 18 -5.12 4.87 6.38
C SER A 18 -3.77 4.65 7.08
N GLY A 19 -2.74 4.43 6.26
CA GLY A 19 -1.40 4.16 6.73
C GLY A 19 -0.99 2.74 6.41
N VAL A 20 -1.99 1.88 6.30
CA VAL A 20 -1.81 0.46 6.11
C VAL A 20 -1.65 0.14 4.63
N CYS A 21 -0.61 -0.60 4.33
CA CYS A 21 -0.31 -1.06 3.02
C CYS A 21 -0.43 -2.58 3.04
N VAL A 22 -1.50 -3.08 2.45
CA VAL A 22 -1.85 -4.49 2.47
C VAL A 22 -1.23 -5.20 1.26
N PRO A 23 -0.27 -6.16 1.46
CA PRO A 23 0.34 -6.92 0.37
C PRO A 23 -0.70 -7.81 -0.33
N ILE A 24 -0.78 -7.70 -1.64
CA ILE A 24 -1.77 -8.45 -2.41
C ILE A 24 -1.11 -9.63 -3.10
N VAL A 25 -0.21 -9.33 -4.02
CA VAL A 25 0.50 -10.38 -4.73
C VAL A 25 1.67 -10.84 -3.88
N THR A 26 2.44 -9.88 -3.44
CA THR A 26 3.64 -10.05 -2.64
C THR A 26 3.89 -8.71 -1.98
N ILE A 27 5.08 -8.52 -1.45
CA ILE A 27 5.52 -7.23 -0.98
C ILE A 27 5.91 -6.32 -2.18
N PHE A 28 5.89 -6.87 -3.39
CA PHE A 28 6.24 -6.13 -4.59
C PHE A 28 4.98 -5.52 -5.22
N TYR A 29 3.81 -5.82 -4.63
CA TYR A 29 2.53 -5.26 -5.07
C TYR A 29 1.50 -5.37 -3.96
N GLY A 30 1.17 -4.25 -3.38
CA GLY A 30 0.14 -4.19 -2.41
C GLY A 30 -0.78 -3.03 -2.72
N VAL A 31 -1.79 -2.83 -1.91
CA VAL A 31 -2.70 -1.69 -2.03
C VAL A 31 -2.98 -1.11 -0.66
N CYS A 32 -3.23 0.17 -0.60
CA CYS A 32 -3.55 0.84 0.62
C CYS A 32 -4.93 0.44 1.07
N TYR A 33 -5.08 0.29 2.38
CA TYR A 33 -6.33 -0.07 3.01
C TYR A 33 -7.35 1.05 2.84
C1 BDF B . -1.16 12.70 1.10
C2 BDF B . -1.42 14.02 0.42
C3 BDF B . -0.79 15.21 1.19
C4 BDF B . -1.54 15.49 2.53
C5 BDF B . -3.05 15.62 2.31
C6 BDF B . -3.57 14.39 1.57
O2 BDF B . -0.92 13.98 -0.87
O3 BDF B . -0.80 16.34 0.36
O4 BDF B . -1.33 14.49 3.51
O5 BDF B . -3.63 15.68 3.60
O6 BDF B . -2.87 14.22 0.28
H11 BDF B . -1.56 12.71 2.12
H12 BDF B . -0.08 12.51 1.15
H3 BDF B . 0.26 14.97 1.44
H4 BDF B . -1.19 16.46 2.92
H5 BDF B . -3.24 16.54 1.73
H61 BDF B . -4.65 14.52 1.36
H62 BDF B . -3.47 13.48 2.17
HO2 BDF B . -1.34 13.24 -1.32
HO3 BDF B . -1.71 16.44 0.06
HO4 BDF B . -1.92 14.74 4.22
HO5 BDF B . -4.59 15.80 3.50
N CYS A 1 -1.57 11.57 0.12
CA CYS A 1 -1.72 10.24 0.67
C CYS A 1 -2.40 9.33 -0.33
N LEU A 2 -1.96 8.10 -0.38
CA LEU A 2 -2.51 7.13 -1.30
C LEU A 2 -3.81 6.59 -0.70
N GLU A 3 -4.88 6.70 -1.44
CA GLU A 3 -6.20 6.32 -0.95
C GLU A 3 -6.42 4.82 -0.99
N SER A 4 -7.49 4.40 -0.36
CA SER A 4 -7.93 3.04 -0.29
C SER A 4 -8.15 2.46 -1.70
N GLY A 5 -7.33 1.48 -2.07
CA GLY A 5 -7.41 0.89 -3.38
C GLY A 5 -6.23 1.26 -4.26
N THR A 6 -5.54 2.35 -3.93
CA THR A 6 -4.37 2.78 -4.67
C THR A 6 -3.21 1.82 -4.38
N SER A 7 -2.55 1.36 -5.43
CA SER A 7 -1.47 0.44 -5.32
C SER A 7 -0.25 1.12 -4.68
N CYS A 8 0.23 0.51 -3.62
CA CYS A 8 1.37 0.98 -2.87
C CYS A 8 2.43 -0.11 -2.85
N ILE A 9 3.60 0.25 -2.38
CA ILE A 9 4.68 -0.68 -2.26
C ILE A 9 4.98 -0.92 -0.77
N PRO A 10 4.68 -2.12 -0.25
CA PRO A 10 5.07 -2.50 1.09
C PRO A 10 6.58 -2.73 1.12
N GLY A 11 7.24 -2.17 2.11
CA GLY A 11 8.69 -2.24 2.19
C GLY A 11 9.33 -0.94 1.72
N ALA A 12 8.52 -0.06 1.18
CA ALA A 12 8.95 1.24 0.74
C ALA A 12 8.10 2.27 1.46
N GLN A 13 8.16 3.53 1.07
CA GLN A 13 7.39 4.55 1.73
C GLN A 13 5.96 4.56 1.22
N HIS A 14 5.12 3.90 1.94
CA HIS A 14 3.72 3.78 1.63
C HIS A 14 2.93 4.83 2.37
N ASN A 15 2.83 5.97 1.74
CA ASN A 15 2.23 7.20 2.27
C ASN A 15 0.68 7.20 2.31
N CYS A 16 0.08 5.99 2.24
CA CYS A 16 -1.38 5.74 2.29
C CYS A 16 -2.08 6.53 3.41
N CYS A 17 -3.34 6.92 3.17
CA CYS A 17 -4.11 7.74 4.12
C CYS A 17 -4.39 6.98 5.43
N SER A 18 -4.62 5.67 5.32
CA SER A 18 -4.78 4.81 6.49
C SER A 18 -3.41 4.39 7.03
N GLY A 19 -2.42 4.41 6.14
CA GLY A 19 -1.06 4.05 6.46
C GLY A 19 -0.75 2.61 6.11
N VAL A 20 -1.78 1.79 6.10
CA VAL A 20 -1.65 0.37 5.89
C VAL A 20 -1.55 0.06 4.40
N CYS A 21 -0.53 -0.67 4.05
CA CYS A 21 -0.32 -1.12 2.71
C CYS A 21 -0.46 -2.62 2.72
N VAL A 22 -1.54 -3.10 2.17
CA VAL A 22 -1.89 -4.50 2.20
C VAL A 22 -1.20 -5.22 1.03
N PRO A 23 -0.34 -6.23 1.32
CA PRO A 23 0.37 -6.98 0.27
C PRO A 23 -0.61 -7.88 -0.53
N ILE A 24 -0.71 -7.62 -1.82
CA ILE A 24 -1.69 -8.30 -2.66
C ILE A 24 -1.03 -9.39 -3.49
N VAL A 25 -0.16 -8.99 -4.39
CA VAL A 25 0.51 -9.93 -5.27
C VAL A 25 1.66 -10.59 -4.53
N THR A 26 2.48 -9.78 -3.93
CA THR A 26 3.61 -10.22 -3.16
C THR A 26 3.72 -9.27 -1.98
N ILE A 27 4.78 -9.40 -1.20
CA ILE A 27 5.04 -8.46 -0.12
C ILE A 27 5.71 -7.18 -0.67
N PHE A 28 5.91 -7.14 -1.98
CA PHE A 28 6.54 -6.01 -2.64
C PHE A 28 5.51 -5.21 -3.43
N TYR A 29 4.27 -5.70 -3.54
CA TYR A 29 3.24 -5.04 -4.34
C TYR A 29 1.87 -5.23 -3.68
N GLY A 30 1.23 -4.13 -3.34
CA GLY A 30 -0.08 -4.20 -2.73
C GLY A 30 -0.92 -2.99 -3.00
N VAL A 31 -1.96 -2.80 -2.19
CA VAL A 31 -2.86 -1.63 -2.29
C VAL A 31 -3.14 -1.11 -0.87
N CYS A 32 -3.42 0.17 -0.76
CA CYS A 32 -3.70 0.77 0.52
C CYS A 32 -5.05 0.34 1.06
N TYR A 33 -5.11 0.22 2.37
CA TYR A 33 -6.28 -0.19 3.12
C TYR A 33 -7.38 0.86 3.00
C1 BDF B . -0.86 11.67 -1.16
C2 BDF B . -0.57 13.11 -1.50
C3 BDF B . 0.10 13.24 -2.87
C4 BDF B . 1.54 12.68 -2.86
C5 BDF B . 2.36 13.32 -1.75
C6 BDF B . 1.63 13.15 -0.40
O2 BDF B . -1.75 13.83 -1.52
O3 BDF B . 0.11 14.60 -3.21
O4 BDF B . 1.59 11.26 -2.74
O5 BDF B . 3.62 12.67 -1.68
O6 BDF B . 0.27 13.71 -0.45
H11 BDF B . 0.07 11.10 -1.13
H12 BDF B . -1.50 11.23 -1.94
H3 BDF B . -0.51 12.68 -3.60
H4 BDF B . 2.01 12.97 -3.82
H5 BDF B . 2.46 14.39 -2.00
H61 BDF B . 2.18 13.72 0.36
H62 BDF B . 1.60 12.10 -0.10
HO2 BDF B . -2.14 13.73 -0.66
HO3 BDF B . -0.83 14.82 -3.12
HO4 BDF B . 2.52 11.04 -2.76
HO5 BDF B . 4.15 13.15 -1.03
N CYS A 1 -2.50 11.82 -0.29
CA CYS A 1 -2.21 10.47 0.20
C CYS A 1 -2.85 9.42 -0.70
N LEU A 2 -2.34 8.19 -0.66
CA LEU A 2 -2.90 7.12 -1.49
C LEU A 2 -4.16 6.59 -0.82
N GLU A 3 -5.22 6.53 -1.59
CA GLU A 3 -6.53 6.11 -1.10
C GLU A 3 -6.65 4.57 -1.15
N SER A 4 -7.69 4.03 -0.54
CA SER A 4 -7.95 2.60 -0.54
C SER A 4 -8.13 2.07 -1.95
N GLY A 5 -7.30 1.12 -2.30
CA GLY A 5 -7.36 0.55 -3.61
C GLY A 5 -6.18 0.96 -4.46
N THR A 6 -5.55 2.08 -4.12
CA THR A 6 -4.40 2.56 -4.84
C THR A 6 -3.19 1.72 -4.43
N SER A 7 -2.37 1.37 -5.40
CA SER A 7 -1.25 0.53 -5.18
C SER A 7 -0.14 1.26 -4.41
N CYS A 8 0.29 0.60 -3.36
CA CYS A 8 1.37 1.04 -2.54
C CYS A 8 2.44 -0.01 -2.60
N ILE A 9 3.62 0.34 -2.16
CA ILE A 9 4.73 -0.56 -2.18
C ILE A 9 5.10 -0.96 -0.73
N PRO A 10 4.76 -2.20 -0.30
CA PRO A 10 5.18 -2.70 0.99
C PRO A 10 6.70 -2.99 0.95
N GLY A 11 7.40 -2.57 1.97
CA GLY A 11 8.85 -2.73 1.99
C GLY A 11 9.53 -1.41 1.70
N ALA A 12 8.74 -0.44 1.32
CA ALA A 12 9.20 0.90 1.06
C ALA A 12 8.30 1.84 1.84
N GLN A 13 8.46 3.13 1.63
CA GLN A 13 7.64 4.11 2.31
C GLN A 13 6.25 4.13 1.68
N HIS A 14 5.26 3.86 2.47
CA HIS A 14 3.89 3.80 2.00
C HIS A 14 3.05 4.93 2.54
N ASN A 15 2.79 5.86 1.65
CA ASN A 15 2.09 7.16 1.86
C ASN A 15 0.54 7.06 1.88
N CYS A 16 0.01 5.84 2.09
CA CYS A 16 -1.45 5.59 2.22
C CYS A 16 -2.07 6.51 3.30
N CYS A 17 -3.32 6.93 3.10
CA CYS A 17 -4.03 7.85 4.02
C CYS A 17 -4.14 7.25 5.43
N SER A 18 -4.45 5.96 5.51
CA SER A 18 -4.53 5.26 6.78
C SER A 18 -3.11 4.94 7.25
N GLY A 19 -2.25 4.60 6.30
CA GLY A 19 -0.90 4.24 6.56
C GLY A 19 -0.67 2.79 6.25
N VAL A 20 -1.73 2.00 6.32
CA VAL A 20 -1.66 0.57 6.15
C VAL A 20 -1.60 0.20 4.66
N CYS A 21 -0.58 -0.57 4.31
CA CYS A 21 -0.39 -1.06 2.97
C CYS A 21 -0.55 -2.56 3.00
N VAL A 22 -1.54 -3.06 2.32
CA VAL A 22 -1.84 -4.47 2.31
C VAL A 22 -1.19 -5.13 1.09
N PRO A 23 -0.24 -6.08 1.30
CA PRO A 23 0.43 -6.79 0.20
C PRO A 23 -0.57 -7.73 -0.54
N ILE A 24 -0.68 -7.55 -1.84
CA ILE A 24 -1.66 -8.29 -2.62
C ILE A 24 -0.98 -9.31 -3.52
N VAL A 25 -0.23 -8.81 -4.49
CA VAL A 25 0.45 -9.66 -5.48
C VAL A 25 1.60 -10.41 -4.80
N THR A 26 2.40 -9.64 -4.11
CA THR A 26 3.54 -10.12 -3.38
C THR A 26 3.68 -9.20 -2.19
N ILE A 27 4.75 -9.35 -1.44
CA ILE A 27 5.07 -8.42 -0.35
C ILE A 27 5.80 -7.17 -0.90
N PHE A 28 5.83 -7.04 -2.24
CA PHE A 28 6.49 -5.93 -2.92
C PHE A 28 5.45 -5.06 -3.66
N TYR A 29 4.21 -5.54 -3.78
CA TYR A 29 3.16 -4.83 -4.51
C TYR A 29 1.82 -5.08 -3.84
N GLY A 30 1.19 -4.02 -3.37
CA GLY A 30 -0.08 -4.15 -2.71
C GLY A 30 -0.96 -2.94 -2.90
N VAL A 31 -2.01 -2.82 -2.10
CA VAL A 31 -2.94 -1.69 -2.17
C VAL A 31 -3.18 -1.12 -0.76
N CYS A 32 -3.48 0.15 -0.68
CA CYS A 32 -3.72 0.81 0.58
C CYS A 32 -5.07 0.43 1.19
N TYR A 33 -5.10 0.45 2.52
CA TYR A 33 -6.28 0.15 3.30
C TYR A 33 -7.17 1.36 3.40
C1 BDF B . -1.85 12.33 -1.50
C2 BDF B . -2.51 13.63 -1.91
C3 BDF B . -3.98 13.42 -2.31
C4 BDF B . -4.10 12.74 -3.72
C5 BDF B . -3.30 13.50 -4.75
C6 BDF B . -1.84 13.60 -4.27
O2 BDF B . -2.46 14.53 -0.85
O3 BDF B . -4.61 14.68 -2.32
O4 BDF B . -3.65 11.39 -3.72
O5 BDF B . -3.33 12.77 -5.96
O6 BDF B . -1.77 14.29 -2.98
H11 BDF B . -0.79 12.53 -1.31
H12 BDF B . -1.94 11.58 -2.29
H3 BDF B . -4.43 12.78 -1.54
H4 BDF B . -5.16 12.77 -4.01
H5 BDF B . -3.69 14.52 -4.88
H61 BDF B . -1.26 14.18 -5.01
H62 BDF B . -1.39 12.60 -4.17
HO2 BDF B . -2.84 14.09 -0.09
HO3 BDF B . -4.36 15.09 -1.48
HO4 BDF B . -4.15 10.88 -3.06
HO5 BDF B . -3.04 11.87 -5.71
N CYS A 1 -2.04 11.76 0.50
CA CYS A 1 -2.02 10.38 0.90
C CYS A 1 -2.59 9.46 -0.18
N LEU A 2 -2.06 8.23 -0.26
CA LEU A 2 -2.57 7.26 -1.22
C LEU A 2 -3.87 6.69 -0.68
N GLU A 3 -4.89 6.82 -1.46
CA GLU A 3 -6.23 6.41 -1.10
C GLU A 3 -6.41 4.88 -1.16
N SER A 4 -7.52 4.42 -0.62
CA SER A 4 -7.85 3.02 -0.56
C SER A 4 -8.01 2.39 -1.96
N GLY A 5 -7.15 1.44 -2.27
CA GLY A 5 -7.19 0.78 -3.56
C GLY A 5 -6.04 1.18 -4.45
N THR A 6 -5.32 2.20 -4.05
CA THR A 6 -4.16 2.66 -4.75
C THR A 6 -2.96 1.82 -4.33
N SER A 7 -2.18 1.39 -5.30
CA SER A 7 -1.08 0.50 -5.08
C SER A 7 0.06 1.18 -4.31
N CYS A 8 0.54 0.46 -3.34
CA CYS A 8 1.63 0.84 -2.53
C CYS A 8 2.64 -0.28 -2.56
N ILE A 9 3.87 0.02 -2.31
CA ILE A 9 4.88 -0.98 -2.28
C ILE A 9 5.25 -1.21 -0.81
N PRO A 10 4.92 -2.40 -0.25
CA PRO A 10 5.28 -2.73 1.12
C PRO A 10 6.81 -2.84 1.24
N GLY A 11 7.38 -1.97 2.06
CA GLY A 11 8.81 -1.89 2.20
C GLY A 11 9.33 -0.55 1.73
N ALA A 12 8.55 0.11 0.88
CA ALA A 12 8.86 1.43 0.39
C ALA A 12 8.05 2.45 1.19
N GLN A 13 8.07 3.71 0.78
CA GLN A 13 7.33 4.74 1.48
C GLN A 13 5.86 4.66 1.12
N HIS A 14 5.09 4.07 2.00
CA HIS A 14 3.67 3.94 1.78
C HIS A 14 2.90 5.04 2.49
N ASN A 15 2.75 6.13 1.75
CA ASN A 15 2.12 7.39 2.18
C ASN A 15 0.57 7.33 2.24
N CYS A 16 0.02 6.10 2.27
CA CYS A 16 -1.44 5.78 2.33
C CYS A 16 -2.18 6.57 3.41
N CYS A 17 -3.46 6.85 3.17
CA CYS A 17 -4.30 7.62 4.09
C CYS A 17 -4.54 6.87 5.39
N SER A 18 -4.76 5.55 5.29
CA SER A 18 -4.90 4.70 6.46
C SER A 18 -3.52 4.37 7.03
N GLY A 19 -2.51 4.40 6.16
CA GLY A 19 -1.15 4.11 6.54
C GLY A 19 -0.78 2.68 6.25
N VAL A 20 -1.79 1.83 6.22
CA VAL A 20 -1.62 0.40 6.08
C VAL A 20 -1.50 0.05 4.59
N CYS A 21 -0.47 -0.68 4.28
CA CYS A 21 -0.23 -1.14 2.94
C CYS A 21 -0.43 -2.64 2.95
N VAL A 22 -1.50 -3.08 2.35
CA VAL A 22 -1.90 -4.48 2.35
C VAL A 22 -1.34 -5.19 1.11
N PRO A 23 -0.37 -6.15 1.29
CA PRO A 23 0.20 -6.94 0.18
C PRO A 23 -0.87 -7.74 -0.58
N ILE A 24 -0.87 -7.65 -1.89
CA ILE A 24 -1.87 -8.34 -2.67
C ILE A 24 -1.22 -9.43 -3.51
N VAL A 25 -0.38 -9.03 -4.45
CA VAL A 25 0.26 -9.97 -5.36
C VAL A 25 1.41 -10.67 -4.64
N THR A 26 2.25 -9.88 -4.04
CA THR A 26 3.37 -10.34 -3.26
C THR A 26 3.52 -9.38 -2.10
N ILE A 27 4.60 -9.50 -1.34
CA ILE A 27 4.91 -8.54 -0.28
C ILE A 27 5.72 -7.37 -0.87
N PHE A 28 5.80 -7.32 -2.19
CA PHE A 28 6.48 -6.27 -2.90
C PHE A 28 5.45 -5.46 -3.70
N TYR A 29 4.17 -5.88 -3.67
CA TYR A 29 3.12 -5.19 -4.41
C TYR A 29 1.79 -5.34 -3.68
N GLY A 30 1.25 -4.23 -3.23
CA GLY A 30 -0.02 -4.25 -2.56
C GLY A 30 -0.81 -3.00 -2.82
N VAL A 31 -1.85 -2.79 -2.05
CA VAL A 31 -2.69 -1.59 -2.14
C VAL A 31 -2.99 -1.07 -0.74
N CYS A 32 -3.20 0.22 -0.64
CA CYS A 32 -3.52 0.86 0.62
C CYS A 32 -4.90 0.44 1.09
N TYR A 33 -5.01 0.23 2.40
CA TYR A 33 -6.24 -0.18 3.05
C TYR A 33 -7.33 0.88 2.90
C1 BDF B . -1.30 12.16 -0.67
C2 BDF B . -1.24 13.67 -0.74
C3 BDF B . -0.43 14.15 -1.96
C4 BDF B . 1.09 13.82 -1.79
C5 BDF B . 1.60 14.35 -0.45
C6 BDF B . 0.72 13.83 0.71
O2 BDF B . -2.53 14.19 -0.80
O3 BDF B . -0.61 15.54 -2.13
O4 BDF B . 1.31 12.42 -1.84
O5 BDF B . 2.95 13.88 -0.26
O6 BDF B . -0.68 14.19 0.50
H11 BDF B . -0.29 11.75 -0.66
H12 BDF B . -1.81 11.76 -1.55
H3 BDF B . -0.80 13.63 -2.85
H4 BDF B . 1.63 14.31 -2.59
H5 BDF B . 1.55 15.44 -0.50
H61 BDF B . 1.07 14.29 1.64
H62 BDF B . 0.83 12.74 0.81
HO2 BDF B . -2.95 13.83 -1.59
HO3 BDF B . -0.12 15.80 -2.91
HO4 BDF B . 1.02 12.06 -2.68
HO5 BDF B . 3.29 14.31 0.53
#